data_8GNA
#
_entry.id   8GNA
#
_cell.length_a   1.00
_cell.length_b   1.00
_cell.length_c   1.00
_cell.angle_alpha   90.00
_cell.angle_beta   90.00
_cell.angle_gamma   90.00
#
_symmetry.space_group_name_H-M   'P 1'
#
loop_
_entity.id
_entity.type
_entity.pdbx_description
1 polymer 'RAMP superfamily protein'
2 polymer 'RNA (32-MER)'
3 polymer "RNA (5'-R(P*GP*GP*GP*GP*CP*AP*GP*AP*AP*AP*AP*UP*UP*GP*GP*GP*U)-3')"
4 non-polymer 'ZINC ION'
#
loop_
_entity_poly.entity_id
_entity_poly.type
_entity_poly.pdbx_seq_one_letter_code
_entity_poly.pdbx_strand_id
1 'polypeptide(L)'
;MNITVELTFFEPYRLVEWFDWDARKKSHSAMRGQAFAQWTWKGKGRTAGKSFITGTLVRSAVIKAVEELLSLNNGKWEGV
PCCNGSFQTDESKGKKPSFLRKRHTLQWQANNKNICDKEEACPFCILLGRFDNAGKVHERNKDYDIHFSNFDLDHKQEKN
DLRLVDIASGRILNRVDFDTGKAKDYFRTWEADYETYGTYTGRITLRNEHAKKLLLASLGFVDKLCGALCRIEVIKKSES
PLPSDTKEQSYTKDDTVEVLSEDHNDELRKQAEVIVEAFKQNDKLEKIRILADAIRTLRLHGEGVIEKDELPDGKEERDK
GHHLWDIKVQGTALRTKLKELWQSNKDIGWRKFTEMLGSNLYLIYKKETGGVSTRFRILGDTEYYSKAHDSEGSDLFIPV
TPPEGIETKEWIIVGRLKAATPFYFGVQQPSDSIPGKEKKSEDSLVINEHASFNILLDKENRYRIPRSALRGALRRDLRT
AFGSGCNVSLGGQILCNCKVCIEMRRITLKDSVSDFSEPPEIRYRIAKNPGTATVEDGSLFDIEVGPEGLTFPFVLRYRG
HKFPEQLSSVIRYWEENDGKNGMAWLGGLDSTGKGRFALKDIKIFEWDLNQKINEYIKERGMRGKEKELLEMGESSLPDG
LIPYKFFEERECLFPYKENLKPQWSEVQYTIEVGSPLLTADTISALTEPGNRAAIAYKKRVYNDGNNAIEPEPRFAVKSE
THRGIFRTAVGRRTGDLGKEDHEDCTCDMCIIFGNEHESSKIRFEDLELINGNEFEKLEKHIDHVAIDRFTGGALDKAKF
DTYPLAGSPKKPLKLKGRFWIKKGFSGDHKLLITTALSDIRDGLYPLGSKGGVGYGWVAGISIDDNVPDDFKEMINKTEM
PLPEEVEESNNGPINNDYVHPGHQSPKQDHKNKNIYYPHYFLDSGSKVYREKDIITHEEFTEELLSGKINCKLETLTPLI
IPDTSDENGLKLQGNKPGHKNYKFFNINGELMIPGSELRGMLRTHFEALTKSCFAIFGEDSTLSWRMNADEKDYKIDSNS
IRKMESQRNPKYRIPDELQKELRNSGNGLFNRLYTSERRFWSDVSNKFENSIDYKREILRCAGRPKNYKGGIIRQRKDSL
MAEELKVHRLPLYDNFDIPDSAYKANDHCRKSATCSTSRGCRERFTCGIKVRDKNRVFLNAANNNRQYLNNIKKSNHDLY
LQYLKGEKKIRFNSKVITGSERSPIDVIAELNERGRQTGFIKLSGLNNSNKSQGNTGTTFNSGWDRFELNILLDDLETRP
SKSDYPRPRLLFTKDQYEYNITKRCERVFEIDKGNKTGYPVDDQIKKNYEDILDSYDGIKDQEVAERFDTFTRGSKLKVG
DLVYFHIDGDNKIDSLIPVRISRKCASKTLGGKLDKALHPCTGLSDGLCPGCHLFGTTDYKGRVKFGFAKYENGPEWLIT
RGNNPERSLTLGVLESPRPAFSIPDDESEIPGRKFYLHHNGWRIIRQKQLEIRETVQPERNVTTEVMDKGNVFSFDVRFE
NLREWELGLLLQSLDPGKNIAHKLGKGKPYGFGSVKIKIDSLHTFKINSNNDKIKRVPQSDIREYINKGYQKLIEWSGNN
SIQKGNVLPQWHVIPHIDKLYKLLWVPFLNDSKLEPDVRYPVLNEESKGYIEGSDYTYKKLGDKDNLPYKTRVKGLTTPW
SPWNPFQVIAEHEEQEVNVTGSRPSVTDKIERDGKMV
;
A
2 'polyribonucleotide' ACUUAAUGUCACGGUACCCAAUUUUCUGCCCC C
3 'polyribonucleotide' CUCUAGUAACAGCCGUGGAGUCCGGGGCAGAAAAUUGGGUGAUUAA J
#
# COMPACT_ATOMS: atom_id res chain seq x y z
N MET A 1 -10.10 12.53 -62.52
CA MET A 1 -11.12 12.06 -61.59
C MET A 1 -10.63 12.17 -60.14
N ASN A 2 -10.80 13.35 -59.56
CA ASN A 2 -10.37 13.57 -58.19
C ASN A 2 -11.25 12.79 -57.22
N ILE A 3 -10.62 12.19 -56.21
CA ILE A 3 -11.30 11.42 -55.18
C ILE A 3 -10.94 12.02 -53.83
N THR A 4 -11.95 12.40 -53.06
CA THR A 4 -11.74 12.94 -51.72
C THR A 4 -11.79 11.79 -50.72
N VAL A 5 -10.69 11.58 -50.01
CA VAL A 5 -10.53 10.46 -49.09
C VAL A 5 -10.31 11.02 -47.69
N GLU A 6 -11.04 10.48 -46.72
CA GLU A 6 -11.04 10.99 -45.35
C GLU A 6 -10.56 9.90 -44.40
N LEU A 7 -9.58 10.23 -43.57
CA LEU A 7 -9.12 9.35 -42.51
C LEU A 7 -10.04 9.43 -41.30
N THR A 8 -10.03 8.36 -40.50
CA THR A 8 -10.79 8.34 -39.24
C THR A 8 -10.08 7.34 -38.32
N PHE A 9 -9.30 7.86 -37.37
CA PHE A 9 -8.55 7.02 -36.44
C PHE A 9 -9.44 6.67 -35.24
N PHE A 10 -9.48 5.39 -34.90
CA PHE A 10 -10.33 4.89 -33.83
C PHE A 10 -9.56 4.53 -32.58
N GLU A 11 -8.29 4.91 -32.50
CA GLU A 11 -7.48 4.76 -31.29
C GLU A 11 -6.32 5.74 -31.39
N PRO A 12 -5.68 6.07 -30.25
CA PRO A 12 -4.63 7.10 -30.29
C PRO A 12 -3.53 6.80 -31.31
N TYR A 13 -3.47 7.61 -32.37
CA TYR A 13 -2.41 7.52 -33.34
C TYR A 13 -1.23 8.38 -32.90
N ARG A 14 -0.09 8.14 -33.52
CA ARG A 14 1.15 8.82 -33.15
C ARG A 14 1.61 9.73 -34.28
N LEU A 15 2.20 10.86 -33.91
CA LEU A 15 2.74 11.80 -34.87
C LEU A 15 4.08 12.30 -34.38
N VAL A 16 4.88 12.79 -35.33
CA VAL A 16 6.21 13.33 -35.04
C VAL A 16 6.36 14.64 -35.80
N GLU A 17 7.40 15.39 -35.43
CA GLU A 17 7.76 16.58 -36.19
C GLU A 17 8.14 16.20 -37.61
N TRP A 18 7.64 16.97 -38.57
CA TRP A 18 7.81 16.59 -39.97
C TRP A 18 9.29 16.54 -40.37
N PHE A 19 10.06 17.54 -39.95
CA PHE A 19 11.48 17.66 -40.30
C PHE A 19 11.60 17.68 -41.81
N ASP A 20 12.36 16.79 -42.44
CA ASP A 20 12.48 16.69 -43.89
C ASP A 20 13.29 15.45 -44.19
N TRP A 21 13.20 14.96 -45.43
CA TRP A 21 13.95 13.77 -45.80
C TRP A 21 15.45 13.96 -45.57
N ASP A 22 15.95 15.18 -45.82
CA ASP A 22 17.34 15.48 -45.47
C ASP A 22 17.50 15.66 -43.97
N ALA A 23 16.51 16.26 -43.32
CA ALA A 23 16.58 16.55 -41.89
C ALA A 23 16.08 15.42 -41.01
N ARG A 24 15.45 14.39 -41.58
CA ARG A 24 15.04 13.25 -40.76
C ARG A 24 16.23 12.45 -40.27
N LYS A 25 17.31 12.42 -41.05
CA LYS A 25 18.52 11.69 -40.65
C LYS A 25 19.11 12.20 -39.34
N LYS A 26 18.94 13.48 -39.03
CA LYS A 26 19.58 14.05 -37.85
C LYS A 26 18.89 13.60 -36.56
N SER A 27 17.56 13.53 -36.58
CA SER A 27 16.79 13.23 -35.38
C SER A 27 16.30 11.79 -35.42
N HIS A 28 16.52 11.07 -34.32
CA HIS A 28 16.13 9.66 -34.26
C HIS A 28 14.62 9.50 -34.27
N SER A 29 13.90 10.43 -33.66
CA SER A 29 12.44 10.31 -33.57
C SER A 29 11.80 10.34 -34.96
N ALA A 30 12.30 11.22 -35.84
CA ALA A 30 11.71 11.34 -37.17
C ALA A 30 11.90 10.05 -37.97
N MET A 31 13.11 9.47 -37.93
CA MET A 31 13.32 8.20 -38.62
C MET A 31 12.49 7.09 -38.01
N ARG A 32 12.41 7.06 -36.68
CA ARG A 32 11.54 6.09 -36.02
C ARG A 32 10.08 6.35 -36.37
N GLY A 33 9.69 7.62 -36.44
CA GLY A 33 8.32 7.98 -36.74
C GLY A 33 8.07 8.32 -38.19
N GLN A 34 8.74 7.61 -39.11
CA GLN A 34 8.51 7.85 -40.53
C GLN A 34 7.09 7.45 -40.93
N ALA A 35 6.59 6.34 -40.38
CA ALA A 35 5.26 5.85 -40.70
C ALA A 35 4.17 6.50 -39.86
N PHE A 36 4.52 7.41 -38.96
CA PHE A 36 3.55 8.10 -38.14
C PHE A 36 2.95 9.28 -38.90
N ALA A 37 2.02 9.98 -38.25
CA ALA A 37 1.58 11.27 -38.76
C ALA A 37 2.70 12.29 -38.60
N GLN A 38 2.58 13.41 -39.31
CA GLN A 38 3.61 14.43 -39.30
C GLN A 38 3.04 15.73 -38.72
N TRP A 39 3.90 16.48 -38.04
CA TRP A 39 3.53 17.72 -37.39
C TRP A 39 4.50 18.81 -37.83
N THR A 40 3.95 19.91 -38.33
CA THR A 40 4.74 21.07 -38.72
C THR A 40 4.19 22.30 -38.02
N TRP A 41 5.11 23.16 -37.56
CA TRP A 41 4.71 24.35 -36.81
C TRP A 41 4.31 25.48 -37.77
N LYS A 42 3.56 26.43 -37.23
CA LYS A 42 3.08 27.57 -38.00
C LYS A 42 3.69 28.87 -37.49
N GLY A 45 7.02 30.90 -33.12
CA GLY A 45 7.42 30.06 -32.01
C GLY A 45 7.20 28.58 -32.26
N ARG A 46 7.61 27.75 -31.30
CA ARG A 46 7.45 26.30 -31.41
C ARG A 46 6.13 25.84 -30.80
N THR A 47 5.03 26.48 -31.20
CA THR A 47 3.69 26.14 -30.74
C THR A 47 2.71 26.39 -31.86
N ALA A 48 1.52 25.79 -31.71
CA ALA A 48 0.38 26.04 -32.60
C ALA A 48 0.73 25.72 -34.06
N GLY A 49 0.99 24.44 -34.29
CA GLY A 49 1.30 23.93 -35.60
C GLY A 49 0.12 23.26 -36.27
N LYS A 50 0.42 22.48 -37.31
CA LYS A 50 -0.60 21.77 -38.08
C LYS A 50 -0.18 20.32 -38.24
N SER A 51 -1.13 19.40 -38.06
CA SER A 51 -0.87 17.97 -38.15
C SER A 51 -1.37 17.44 -39.49
N PHE A 52 -0.63 16.48 -40.04
CA PHE A 52 -1.02 15.86 -41.30
C PHE A 52 -0.33 14.50 -41.39
N ILE A 53 -0.83 13.67 -42.30
CA ILE A 53 -0.17 12.42 -42.66
C ILE A 53 0.20 12.51 -44.13
N THR A 54 1.44 12.14 -44.45
CA THR A 54 1.94 12.33 -45.80
C THR A 54 1.17 11.46 -46.79
N GLY A 55 1.03 11.97 -48.01
CA GLY A 55 0.41 11.18 -49.06
C GLY A 55 1.22 9.96 -49.43
N THR A 56 2.53 10.02 -49.27
CA THR A 56 3.38 8.85 -49.53
C THR A 56 3.09 7.73 -48.55
N LEU A 57 2.86 8.06 -47.27
CA LEU A 57 2.52 7.03 -46.30
C LEU A 57 1.17 6.39 -46.62
N VAL A 58 0.18 7.19 -46.99
CA VAL A 58 -1.11 6.65 -47.39
C VAL A 58 -0.97 5.78 -48.63
N ARG A 59 -0.10 6.19 -49.55
CA ARG A 59 0.13 5.41 -50.76
C ARG A 59 0.80 4.08 -50.43
N SER A 60 1.76 4.08 -49.50
CA SER A 60 2.40 2.84 -49.10
C SER A 60 1.40 1.89 -48.45
N ALA A 61 0.54 2.41 -47.58
CA ALA A 61 -0.51 1.57 -47.00
C ALA A 61 -1.45 1.05 -48.07
N VAL A 62 -1.81 1.90 -49.04
CA VAL A 62 -2.74 1.50 -50.08
C VAL A 62 -2.13 0.41 -50.96
N ILE A 63 -0.86 0.54 -51.34
CA ILE A 63 -0.25 -0.47 -52.20
C ILE A 63 0.00 -1.76 -51.41
N LYS A 64 0.27 -1.66 -50.11
CA LYS A 64 0.33 -2.87 -49.30
C LYS A 64 -1.02 -3.57 -49.29
N ALA A 65 -2.10 -2.81 -49.15
CA ALA A 65 -3.44 -3.40 -49.22
C ALA A 65 -3.71 -4.00 -50.60
N VAL A 66 -3.23 -3.35 -51.65
CA VAL A 66 -3.42 -3.86 -53.01
C VAL A 66 -2.72 -5.20 -53.17
N GLU A 67 -1.46 -5.29 -52.72
CA GLU A 67 -0.72 -6.53 -52.86
C GLU A 67 -1.34 -7.63 -52.00
N GLU A 68 -1.85 -7.28 -50.81
CA GLU A 68 -2.54 -8.27 -49.99
C GLU A 68 -3.80 -8.78 -50.69
N LEU A 69 -4.59 -7.87 -51.25
CA LEU A 69 -5.83 -8.26 -51.92
C LEU A 69 -5.53 -9.12 -53.15
N LEU A 70 -4.50 -8.76 -53.92
CA LEU A 70 -4.14 -9.55 -55.08
C LEU A 70 -3.61 -10.92 -54.67
N SER A 71 -2.91 -11.00 -53.54
CA SER A 71 -2.55 -12.31 -53.00
C SER A 71 -3.79 -13.11 -52.63
N LEU A 72 -4.82 -12.43 -52.13
CA LEU A 72 -6.08 -13.12 -51.82
C LEU A 72 -6.70 -13.70 -53.09
N ASN A 73 -6.66 -12.95 -54.19
CA ASN A 73 -7.34 -13.32 -55.43
C ASN A 73 -6.36 -13.73 -56.53
N ASN A 74 -5.18 -14.23 -56.14
CA ASN A 74 -4.19 -14.73 -57.10
C ASN A 74 -3.78 -13.67 -58.11
N GLY A 75 -3.64 -12.43 -57.65
CA GLY A 75 -3.23 -11.34 -58.52
C GLY A 75 -4.22 -10.98 -59.61
N LYS A 76 -5.51 -11.00 -59.29
CA LYS A 76 -6.52 -10.63 -60.27
C LYS A 76 -7.77 -10.17 -59.52
N TRP A 77 -8.04 -8.88 -59.54
CA TRP A 77 -9.18 -8.31 -58.82
C TRP A 77 -10.29 -7.97 -59.80
N GLU A 78 -11.52 -8.35 -59.45
CA GLU A 78 -12.71 -8.10 -60.26
C GLU A 78 -12.57 -8.69 -61.66
N GLY A 79 -11.89 -9.84 -61.75
CA GLY A 79 -11.70 -10.51 -63.01
C GLY A 79 -10.65 -9.91 -63.91
N VAL A 80 -9.96 -8.87 -63.47
CA VAL A 80 -8.94 -8.20 -64.28
C VAL A 80 -7.58 -8.71 -63.80
N PRO A 81 -6.85 -9.48 -64.61
CA PRO A 81 -5.56 -10.01 -64.15
C PRO A 81 -4.54 -8.89 -63.94
N CYS A 82 -3.68 -9.08 -62.95
CA CYS A 82 -2.57 -8.18 -62.67
C CYS A 82 -1.28 -8.98 -62.61
N CYS A 83 -0.18 -8.37 -63.05
CA CYS A 83 1.11 -9.05 -63.06
C CYS A 83 1.69 -9.03 -61.65
N ASN A 84 2.96 -9.42 -61.53
CA ASN A 84 3.60 -9.48 -60.23
C ASN A 84 4.15 -8.14 -59.77
N GLY A 85 4.10 -7.12 -60.62
CA GLY A 85 4.57 -5.80 -60.26
C GLY A 85 6.08 -5.69 -60.26
N SER A 86 6.56 -4.54 -59.77
CA SER A 86 7.98 -4.28 -59.69
C SER A 86 8.27 -3.50 -58.42
N PHE A 87 9.29 -3.94 -57.67
CA PHE A 87 9.72 -3.26 -56.46
C PHE A 87 11.24 -3.15 -56.39
N GLN A 88 11.90 -3.13 -57.53
CA GLN A 88 13.35 -3.02 -57.61
C GLN A 88 13.73 -1.71 -58.28
N THR A 89 14.87 -1.15 -57.84
CA THR A 89 15.38 0.09 -58.42
C THR A 89 16.87 -0.07 -58.65
N ASP A 90 17.34 0.46 -59.78
CA ASP A 90 18.76 0.37 -60.14
C ASP A 90 19.56 1.52 -59.56
N LYS A 95 17.58 6.46 -59.14
CA LYS A 95 17.63 6.83 -57.73
C LYS A 95 16.70 5.96 -56.91
N LYS A 96 17.19 5.50 -55.75
CA LYS A 96 16.39 4.68 -54.87
C LYS A 96 15.24 5.49 -54.28
N PRO A 97 14.12 4.86 -53.96
CA PRO A 97 12.99 5.58 -53.35
C PRO A 97 13.36 6.10 -51.97
N SER A 98 12.59 7.11 -51.54
CA SER A 98 12.86 7.73 -50.25
C SER A 98 12.69 6.74 -49.10
N PHE A 99 11.87 5.70 -49.29
CA PHE A 99 11.69 4.65 -48.31
C PHE A 99 11.94 3.31 -48.97
N LEU A 100 12.73 2.46 -48.31
CA LEU A 100 13.05 1.13 -48.82
C LEU A 100 12.19 0.10 -48.10
N ARG A 101 11.67 -0.87 -48.85
CA ARG A 101 10.66 -1.76 -48.32
C ARG A 101 11.22 -2.64 -47.21
N LYS A 102 12.40 -3.23 -47.42
CA LYS A 102 13.05 -4.14 -46.47
C LYS A 102 12.07 -5.15 -45.86
N ARG A 103 11.08 -5.57 -46.65
CA ARG A 103 10.00 -6.45 -46.19
C ARG A 103 9.74 -7.55 -47.21
N HIS A 104 9.19 -8.65 -46.72
CA HIS A 104 8.76 -9.73 -47.61
C HIS A 104 7.56 -9.28 -48.42
N THR A 105 7.66 -9.36 -49.73
CA THR A 105 6.60 -8.89 -50.63
C THR A 105 5.71 -10.05 -51.05
N LEU A 106 4.41 -9.88 -50.89
CA LEU A 106 3.45 -10.87 -51.37
C LEU A 106 3.45 -10.90 -52.88
N GLN A 107 3.50 -12.10 -53.45
CA GLN A 107 3.54 -12.27 -54.90
C GLN A 107 2.51 -13.32 -55.31
N TRP A 108 2.39 -13.52 -56.62
CA TRP A 108 1.44 -14.47 -57.19
C TRP A 108 2.04 -15.03 -58.48
N GLN A 109 1.30 -15.94 -59.12
CA GLN A 109 1.80 -16.62 -60.30
C GLN A 109 2.02 -15.64 -61.45
N ALA A 110 1.10 -14.70 -61.65
CA ALA A 110 1.21 -13.74 -62.75
C ALA A 110 2.29 -12.70 -62.44
N ASN A 114 0.83 -10.45 -70.85
CA ASN A 114 2.00 -10.05 -71.61
C ASN A 114 2.86 -9.08 -70.82
N ILE A 115 3.91 -8.55 -71.47
CA ILE A 115 4.78 -7.58 -70.81
C ILE A 115 4.02 -6.29 -70.56
N CYS A 116 4.55 -5.49 -69.63
CA CYS A 116 3.91 -4.26 -69.20
C CYS A 116 4.71 -3.07 -69.73
N ASP A 117 4.08 -2.28 -70.59
CA ASP A 117 4.61 -1.01 -71.07
C ASP A 117 3.67 0.11 -70.65
N LYS A 118 3.97 1.33 -71.10
CA LYS A 118 3.10 2.47 -70.79
C LYS A 118 2.01 2.64 -71.83
N GLU A 119 1.35 1.55 -72.17
CA GLU A 119 0.16 1.58 -73.02
C GLU A 119 -1.01 0.79 -72.45
N GLU A 120 -0.73 -0.37 -71.85
CA GLU A 120 -1.77 -1.26 -71.33
C GLU A 120 -1.33 -1.84 -69.99
N ALA A 121 -0.81 -0.99 -69.11
CA ALA A 121 -0.29 -1.44 -67.83
C ALA A 121 -1.39 -2.00 -66.95
N CYS A 122 -0.98 -2.87 -66.03
CA CYS A 122 -1.92 -3.50 -65.11
C CYS A 122 -2.53 -2.46 -64.18
N PRO A 123 -3.72 -2.75 -63.61
CA PRO A 123 -4.24 -1.88 -62.55
C PRO A 123 -3.27 -1.75 -61.39
N PHE A 124 -2.59 -2.85 -61.04
CA PHE A 124 -1.55 -2.80 -60.03
C PHE A 124 -0.40 -1.90 -60.46
N CYS A 125 -0.02 -1.98 -61.74
CA CYS A 125 1.09 -1.17 -62.24
C CYS A 125 0.76 0.32 -62.18
N ILE A 126 -0.44 0.71 -62.57
CA ILE A 126 -0.79 2.12 -62.57
C ILE A 126 -1.13 2.60 -61.17
N LEU A 127 -1.57 1.71 -60.28
CA LEU A 127 -1.70 2.08 -58.87
C LEU A 127 -0.34 2.37 -58.27
N LEU A 128 0.67 1.57 -58.62
CA LEU A 128 2.03 1.91 -58.21
C LEU A 128 2.58 3.11 -58.96
N GLY A 129 1.96 3.50 -60.06
CA GLY A 129 2.52 4.55 -60.90
C GLY A 129 3.83 4.15 -61.55
N ARG A 130 3.92 2.90 -62.03
CA ARG A 130 5.16 2.42 -62.62
C ARG A 130 5.48 3.16 -63.92
N PHE A 131 4.48 3.39 -64.76
CA PHE A 131 4.67 3.97 -66.08
C PHE A 131 3.96 5.31 -66.24
N ASP A 132 3.81 6.06 -65.15
CA ASP A 132 3.24 7.38 -65.24
C ASP A 132 4.29 8.39 -65.68
N ASN A 133 3.83 9.61 -65.97
CA ASN A 133 4.73 10.66 -66.43
C ASN A 133 5.58 11.22 -65.31
N ALA A 134 5.11 11.15 -64.06
CA ALA A 134 5.81 11.73 -62.92
C ALA A 134 6.50 10.63 -62.13
N GLY A 135 7.78 10.81 -61.86
CA GLY A 135 8.55 9.84 -61.12
C GLY A 135 9.08 10.38 -59.80
N LYS A 136 10.40 10.47 -59.66
CA LYS A 136 11.01 10.97 -58.44
C LYS A 136 11.49 12.40 -58.61
N GLU A 139 9.55 15.56 -58.17
CA GLU A 139 8.18 16.05 -58.15
C GLU A 139 8.05 17.35 -58.96
N ARG A 140 7.14 17.33 -59.93
CA ARG A 140 6.89 18.51 -60.76
C ARG A 140 5.50 18.38 -61.34
N ASN A 141 4.58 19.25 -60.90
CA ASN A 141 3.19 19.27 -61.36
C ASN A 141 2.47 17.96 -61.09
N LYS A 142 1.20 17.88 -61.48
CA LYS A 142 0.40 16.67 -61.28
C LYS A 142 0.37 15.84 -62.56
N ASP A 143 1.55 15.31 -62.90
CA ASP A 143 1.69 14.40 -64.03
C ASP A 143 1.46 12.95 -63.64
N TYR A 144 1.18 12.68 -62.37
CA TYR A 144 1.00 11.32 -61.89
C TYR A 144 -0.25 10.69 -62.48
N ASP A 145 -0.16 9.42 -62.84
CA ASP A 145 -1.37 8.66 -63.14
C ASP A 145 -2.26 8.55 -61.91
N ILE A 146 -1.66 8.31 -60.74
CA ILE A 146 -2.35 8.36 -59.46
C ILE A 146 -1.53 9.24 -58.52
N HIS A 147 -2.21 10.16 -57.84
CA HIS A 147 -1.55 11.13 -56.96
C HIS A 147 -2.18 11.06 -55.58
N PHE A 148 -1.34 10.96 -54.55
CA PHE A 148 -1.79 10.98 -53.16
C PHE A 148 -1.34 12.28 -52.53
N SER A 149 -2.26 13.23 -52.40
CA SER A 149 -1.93 14.50 -51.78
C SER A 149 -1.81 14.33 -50.26
N ASN A 150 -1.25 15.34 -49.62
CA ASN A 150 -1.14 15.32 -48.17
C ASN A 150 -2.52 15.37 -47.54
N PHE A 151 -2.71 14.60 -46.47
CA PHE A 151 -3.98 14.52 -45.77
C PHE A 151 -3.92 15.45 -44.57
N ASP A 152 -4.58 16.60 -44.69
CA ASP A 152 -4.57 17.59 -43.62
C ASP A 152 -5.66 17.28 -42.59
N LEU A 153 -5.35 17.57 -41.33
CA LEU A 153 -6.30 17.34 -40.25
C LEU A 153 -7.50 18.27 -40.40
N ASP A 154 -8.69 17.72 -40.20
CA ASP A 154 -9.92 18.49 -40.32
C ASP A 154 -11.06 17.81 -39.58
N ASP A 161 -3.47 28.45 -34.84
CA ASP A 161 -3.87 27.79 -33.60
C ASP A 161 -3.47 26.32 -33.61
N LEU A 162 -4.29 25.49 -32.97
CA LEU A 162 -4.07 24.04 -32.87
C LEU A 162 -2.71 23.75 -32.23
N ARG A 163 -2.63 24.12 -30.95
CA ARG A 163 -1.44 23.84 -30.16
C ARG A 163 -1.23 22.33 -30.04
N LEU A 164 0.04 21.92 -30.00
CA LEU A 164 0.36 20.50 -30.02
C LEU A 164 -0.16 19.78 -28.79
N VAL A 165 -0.07 20.42 -27.62
CA VAL A 165 -0.54 19.79 -26.39
C VAL A 165 -2.03 19.53 -26.43
N ASP A 166 -2.76 20.21 -27.31
CA ASP A 166 -4.18 19.93 -27.49
C ASP A 166 -4.41 18.66 -28.29
N ILE A 167 -3.55 18.37 -29.26
CA ILE A 167 -3.76 17.21 -30.12
C ILE A 167 -3.09 15.95 -29.58
N ALA A 168 -1.95 16.08 -28.91
CA ALA A 168 -1.20 14.91 -28.49
C ALA A 168 -0.54 15.17 -27.14
N SER A 169 -0.24 14.09 -26.44
CA SER A 169 0.50 14.13 -25.18
C SER A 169 1.66 13.17 -25.27
N GLY A 170 2.87 13.66 -24.97
CA GLY A 170 4.06 12.85 -25.05
C GLY A 170 4.02 11.65 -24.13
N ARG A 171 4.33 10.47 -24.66
CA ARG A 171 4.35 9.24 -23.87
C ARG A 171 5.67 8.52 -24.08
N ILE A 172 6.22 8.01 -22.98
CA ILE A 172 7.45 7.23 -23.02
C ILE A 172 7.07 5.76 -23.10
N LEU A 173 7.43 5.11 -24.20
CA LEU A 173 7.18 3.68 -24.37
C LEU A 173 8.38 2.90 -23.84
N ASN A 174 8.44 1.60 -24.11
CA ASN A 174 9.41 0.77 -23.43
C ASN A 174 9.66 -0.50 -24.23
N ARG A 175 10.74 -1.18 -23.88
CA ARG A 175 11.08 -2.50 -24.41
C ARG A 175 11.58 -3.34 -23.24
N VAL A 176 10.75 -4.26 -22.76
CA VAL A 176 11.04 -5.02 -21.55
C VAL A 176 11.71 -6.34 -21.93
N ASP A 177 12.81 -6.65 -21.27
CA ASP A 177 13.52 -7.89 -21.52
C ASP A 177 12.71 -9.09 -21.04
N PHE A 178 12.99 -10.25 -21.63
CA PHE A 178 12.26 -11.47 -21.32
C PHE A 178 12.96 -12.34 -20.27
N ASP A 179 14.27 -12.56 -20.43
CA ASP A 179 15.00 -13.37 -19.44
C ASP A 179 14.95 -12.72 -18.08
N THR A 180 15.15 -11.40 -18.02
CA THR A 180 14.87 -10.62 -16.82
C THR A 180 13.46 -10.06 -16.96
N GLY A 181 13.09 -9.14 -16.09
CA GLY A 181 11.80 -8.48 -16.20
C GLY A 181 11.93 -6.98 -16.30
N LYS A 182 13.17 -6.50 -16.25
CA LYS A 182 13.46 -5.08 -16.30
C LYS A 182 13.47 -4.58 -17.74
N ALA A 183 13.29 -3.27 -17.89
CA ALA A 183 13.38 -2.64 -19.20
C ALA A 183 14.83 -2.57 -19.67
N LYS A 184 15.02 -2.69 -20.98
CA LYS A 184 16.35 -2.53 -21.55
C LYS A 184 16.55 -1.20 -22.26
N ASP A 185 15.49 -0.61 -22.80
CA ASP A 185 15.57 0.73 -23.36
C ASP A 185 14.15 1.28 -23.50
N TYR A 186 14.05 2.58 -23.77
CA TYR A 186 12.77 3.24 -23.91
C TYR A 186 12.88 4.32 -24.97
N PHE A 187 11.73 4.66 -25.58
CA PHE A 187 11.64 5.72 -26.56
C PHE A 187 10.32 6.47 -26.37
N ARG A 188 10.32 7.74 -26.75
CA ARG A 188 9.16 8.58 -26.55
C ARG A 188 8.22 8.52 -27.76
N THR A 189 7.00 9.01 -27.55
CA THR A 189 5.96 8.93 -28.56
C THR A 189 4.99 10.09 -28.31
N TRP A 190 4.23 10.43 -29.35
CA TRP A 190 3.29 11.55 -29.28
C TRP A 190 1.88 11.10 -29.60
N GLU A 191 1.42 10.03 -28.94
CA GLU A 191 0.08 9.50 -29.17
C GLU A 191 -0.96 10.60 -29.15
N ALA A 192 -1.65 10.77 -30.27
CA ALA A 192 -2.56 11.89 -30.47
C ALA A 192 -3.95 11.57 -29.94
N ASP A 193 -4.83 12.56 -30.00
CA ASP A 193 -6.20 12.45 -29.50
C ASP A 193 -7.12 12.12 -30.66
N TYR A 194 -7.44 10.82 -30.81
CA TYR A 194 -8.32 10.39 -31.89
C TYR A 194 -9.77 10.82 -31.66
N GLU A 195 -10.15 11.10 -30.41
CA GLU A 195 -11.53 11.51 -30.12
C GLU A 195 -11.89 12.80 -30.86
N THR A 196 -11.06 13.83 -30.73
CA THR A 196 -11.34 15.12 -31.35
C THR A 196 -10.58 15.32 -32.66
N TYR A 197 -9.25 15.25 -32.61
CA TYR A 197 -8.41 15.45 -33.79
C TYR A 197 -7.99 14.08 -34.32
N GLY A 198 -8.93 13.40 -34.98
CA GLY A 198 -8.66 12.08 -35.50
C GLY A 198 -9.10 11.88 -36.94
N THR A 199 -9.60 12.94 -37.56
CA THR A 199 -10.09 12.89 -38.94
C THR A 199 -9.17 13.70 -39.83
N TYR A 200 -8.63 13.04 -40.86
CA TYR A 200 -7.74 13.68 -41.82
C TYR A 200 -8.37 13.57 -43.21
N THR A 201 -8.44 14.69 -43.91
CA THR A 201 -9.05 14.75 -45.23
C THR A 201 -7.99 15.05 -46.28
N GLY A 202 -7.95 14.23 -47.34
CA GLY A 202 -7.00 14.43 -48.41
C GLY A 202 -7.62 14.07 -49.75
N ARG A 203 -6.86 14.37 -50.80
CA ARG A 203 -7.30 14.15 -52.17
C ARG A 203 -6.44 13.07 -52.82
N ILE A 204 -7.10 12.17 -53.54
CA ILE A 204 -6.42 11.16 -54.35
C ILE A 204 -6.92 11.33 -55.78
N THR A 205 -6.04 11.75 -56.68
CA THR A 205 -6.39 11.98 -58.07
C THR A 205 -5.88 10.83 -58.92
N LEU A 206 -6.75 10.29 -59.77
CA LEU A 206 -6.46 9.10 -60.56
C LEU A 206 -6.76 9.39 -62.03
N ARG A 207 -5.71 9.55 -62.83
CA ARG A 207 -5.90 9.81 -64.25
C ARG A 207 -6.53 8.62 -64.95
N ASN A 208 -6.07 7.40 -64.63
CA ASN A 208 -6.48 6.20 -65.33
C ASN A 208 -7.60 5.52 -64.56
N GLU A 209 -8.78 5.43 -65.18
CA GLU A 209 -9.95 4.82 -64.54
C GLU A 209 -9.85 3.30 -64.47
N HIS A 210 -8.82 2.69 -65.05
CA HIS A 210 -8.72 1.24 -65.06
C HIS A 210 -8.61 0.67 -63.66
N ALA A 211 -7.86 1.34 -62.78
CA ALA A 211 -7.61 0.83 -61.43
C ALA A 211 -8.42 1.56 -60.37
N LYS A 212 -9.54 2.18 -60.75
CA LYS A 212 -10.38 2.85 -59.76
C LYS A 212 -10.98 1.85 -58.78
N LYS A 213 -11.49 0.73 -59.28
CA LYS A 213 -12.10 -0.28 -58.42
C LYS A 213 -11.07 -0.85 -57.45
N LEU A 214 -9.89 -1.19 -57.96
CA LEU A 214 -8.84 -1.73 -57.10
C LEU A 214 -8.38 -0.70 -56.08
N LEU A 215 -8.29 0.57 -56.49
CA LEU A 215 -7.91 1.62 -55.56
C LEU A 215 -8.92 1.76 -54.42
N LEU A 216 -10.21 1.76 -54.76
CA LEU A 216 -11.23 1.85 -53.71
C LEU A 216 -11.23 0.63 -52.81
N ALA A 217 -11.01 -0.56 -53.39
CA ALA A 217 -10.94 -1.77 -52.57
C ALA A 217 -9.76 -1.71 -51.61
N SER A 218 -8.61 -1.21 -52.08
CA SER A 218 -7.45 -1.05 -51.20
C SER A 218 -7.72 -0.03 -50.12
N LEU A 219 -8.37 1.09 -50.48
CA LEU A 219 -8.72 2.10 -49.49
C LEU A 219 -9.57 1.49 -48.38
N GLY A 220 -10.60 0.72 -48.77
CA GLY A 220 -11.40 0.05 -47.77
C GLY A 220 -10.68 -1.08 -47.06
N PHE A 221 -9.59 -1.59 -47.63
CA PHE A 221 -8.85 -2.68 -47.03
C PHE A 221 -7.71 -2.21 -46.13
N VAL A 222 -7.30 -0.95 -46.23
CA VAL A 222 -6.26 -0.44 -45.34
C VAL A 222 -6.81 -0.43 -43.92
N ASP A 223 -6.13 -1.15 -43.03
CA ASP A 223 -6.63 -1.39 -41.68
C ASP A 223 -6.10 -0.41 -40.64
N LYS A 224 -4.85 0.02 -40.75
CA LYS A 224 -4.28 0.88 -39.72
C LYS A 224 -3.18 1.75 -40.30
N LEU A 225 -3.08 2.96 -39.77
CA LEU A 225 -2.05 3.92 -40.17
C LEU A 225 -1.61 4.68 -38.93
N CYS A 226 -0.33 5.08 -38.93
CA CYS A 226 0.26 5.87 -37.85
C CYS A 226 0.07 5.20 -36.48
N GLY A 227 0.14 3.87 -36.45
CA GLY A 227 -0.04 3.14 -35.21
C GLY A 227 -1.44 3.19 -34.65
N ALA A 228 -2.46 3.16 -35.50
CA ALA A 228 -3.83 3.23 -35.04
C ALA A 228 -4.75 2.67 -36.11
N LEU A 229 -5.74 1.88 -35.68
CA LEU A 229 -6.75 1.39 -36.61
C LEU A 229 -7.51 2.56 -37.20
N CYS A 230 -7.64 2.57 -38.53
CA CYS A 230 -8.25 3.67 -39.24
C CYS A 230 -9.23 3.16 -40.28
N ARG A 231 -10.17 4.02 -40.65
CA ARG A 231 -11.13 3.76 -41.71
C ARG A 231 -10.93 4.75 -42.84
N ILE A 232 -11.12 4.26 -44.07
CA ILE A 232 -11.00 5.08 -45.27
C ILE A 232 -12.35 5.07 -45.97
N GLU A 233 -12.94 6.25 -46.14
CA GLU A 233 -14.19 6.40 -46.88
C GLU A 233 -14.02 7.52 -47.90
N VAL A 234 -14.52 7.29 -49.12
CA VAL A 234 -14.45 8.31 -50.16
C VAL A 234 -15.50 9.38 -49.88
N ILE A 235 -15.11 10.64 -50.04
CA ILE A 235 -15.98 11.79 -49.80
C ILE A 235 -16.46 11.81 -48.35
N HIS A 264 -8.11 29.16 -12.88
CA HIS A 264 -7.01 28.42 -13.47
C HIS A 264 -5.98 27.99 -12.44
N ASN A 265 -4.71 28.24 -12.73
CA ASN A 265 -3.61 27.84 -11.85
C ASN A 265 -2.99 28.99 -11.09
N ASP A 266 -2.97 30.20 -11.65
CA ASP A 266 -2.31 31.32 -10.98
C ASP A 266 -2.97 31.66 -9.65
N GLU A 267 -4.30 31.69 -9.62
CA GLU A 267 -5.00 32.03 -8.38
C GLU A 267 -4.92 30.89 -7.37
N LEU A 268 -5.12 29.65 -7.82
CA LEU A 268 -5.08 28.51 -6.90
C LEU A 268 -3.70 28.32 -6.32
N ARG A 269 -2.65 28.47 -7.14
CA ARG A 269 -1.29 28.36 -6.63
C ARG A 269 -1.00 29.49 -5.63
N LYS A 270 -1.50 30.70 -5.91
CA LYS A 270 -1.30 31.81 -4.98
C LYS A 270 -1.97 31.52 -3.63
N GLN A 271 -3.18 30.98 -3.66
CA GLN A 271 -3.86 30.65 -2.41
C GLN A 271 -3.19 29.50 -1.68
N ALA A 272 -2.63 28.54 -2.43
CA ALA A 272 -1.83 27.50 -1.80
C ALA A 272 -0.60 28.08 -1.14
N GLU A 273 0.04 29.07 -1.77
CA GLU A 273 1.15 29.76 -1.14
C GLU A 273 0.72 30.47 0.13
N VAL A 274 -0.48 31.07 0.11
CA VAL A 274 -1.02 31.69 1.31
C VAL A 274 -1.18 30.67 2.43
N ILE A 275 -1.71 29.48 2.09
CA ILE A 275 -1.89 28.43 3.09
C ILE A 275 -0.53 27.99 3.65
N VAL A 276 0.47 27.84 2.78
CA VAL A 276 1.79 27.43 3.23
C VAL A 276 2.40 28.48 4.15
N GLU A 277 2.26 29.76 3.81
CA GLU A 277 2.76 30.83 4.67
C GLU A 277 2.04 30.84 6.01
N ALA A 278 0.73 30.57 5.99
CA ALA A 278 -0.02 30.53 7.24
C ALA A 278 0.42 29.38 8.13
N PHE A 279 0.74 28.22 7.52
CA PHE A 279 1.34 27.14 8.30
C PHE A 279 2.71 27.53 8.83
N LYS A 280 3.47 28.29 8.05
CA LYS A 280 4.73 28.84 8.57
C LYS A 280 4.48 29.68 9.81
N GLN A 281 3.42 30.47 9.80
CA GLN A 281 3.07 31.26 10.99
C GLN A 281 2.76 30.36 12.18
N ASN A 282 2.24 29.16 11.93
CA ASN A 282 1.97 28.18 12.98
C ASN A 282 3.13 27.22 13.21
N ASP A 283 4.21 27.34 12.43
CA ASP A 283 5.36 26.43 12.51
C ASP A 283 4.91 24.98 12.32
N LYS A 284 3.98 24.76 11.40
CA LYS A 284 3.44 23.44 11.10
C LYS A 284 3.72 23.07 9.65
N LEU A 285 4.89 23.44 9.14
CA LEU A 285 5.27 23.14 7.77
C LEU A 285 5.50 21.65 7.53
N GLU A 286 5.59 20.83 8.58
CA GLU A 286 5.78 19.40 8.38
C GLU A 286 4.53 18.76 7.79
N LYS A 287 3.34 19.28 8.11
CA LYS A 287 2.09 18.68 7.67
C LYS A 287 1.50 19.32 6.42
N ILE A 288 2.17 20.33 5.84
CA ILE A 288 1.73 20.81 4.54
C ILE A 288 2.03 19.78 3.45
N ARG A 289 2.99 18.90 3.69
CA ARG A 289 3.21 17.77 2.79
C ARG A 289 2.07 16.76 2.91
N ILE A 290 1.66 16.46 4.14
CA ILE A 290 0.53 15.57 4.35
C ILE A 290 -0.77 16.24 3.93
N LEU A 291 -0.88 17.55 4.12
CA LEU A 291 -2.07 18.26 3.67
C LEU A 291 -2.23 18.18 2.16
N ALA A 292 -1.11 18.22 1.43
CA ALA A 292 -1.17 18.05 -0.02
C ALA A 292 -1.74 16.68 -0.38
N ASP A 293 -1.33 15.64 0.34
CA ASP A 293 -1.88 14.31 0.12
C ASP A 293 -3.37 14.27 0.45
N ALA A 294 -3.78 14.94 1.52
CA ALA A 294 -5.20 14.98 1.88
C ALA A 294 -6.03 15.67 0.81
N ILE A 295 -5.52 16.79 0.27
CA ILE A 295 -6.21 17.49 -0.80
C ILE A 295 -6.28 16.61 -2.05
N ARG A 296 -5.19 15.90 -2.35
CA ARG A 296 -5.18 15.02 -3.51
C ARG A 296 -6.19 13.89 -3.35
N THR A 297 -6.31 13.33 -2.14
CA THR A 297 -7.29 12.27 -1.91
C THR A 297 -8.72 12.82 -1.83
N LEU A 298 -8.87 14.11 -1.59
CA LEU A 298 -10.21 14.71 -1.59
C LEU A 298 -10.92 14.56 -2.92
N ARG A 299 -10.17 14.35 -4.01
CA ARG A 299 -10.80 14.14 -5.32
C ARG A 299 -11.63 12.87 -5.35
N LEU A 300 -11.30 11.90 -4.50
CA LEU A 300 -12.13 10.70 -4.39
C LEU A 300 -13.51 11.04 -3.82
N HIS A 301 -13.55 11.93 -2.84
CA HIS A 301 -14.82 12.37 -2.28
C HIS A 301 -15.46 13.42 -3.18
N GLY A 302 -16.76 13.61 -3.00
CA GLY A 302 -17.50 14.56 -3.78
C GLY A 302 -17.31 15.99 -3.32
N GLU A 303 -18.03 16.90 -3.97
CA GLU A 303 -17.99 18.31 -3.59
C GLU A 303 -18.57 18.55 -2.21
N GLY A 304 -19.42 17.64 -1.72
CA GLY A 304 -20.05 17.82 -0.44
C GLY A 304 -19.11 17.73 0.75
N VAL A 305 -17.95 17.08 0.58
CA VAL A 305 -16.99 16.98 1.68
C VAL A 305 -16.44 18.34 2.06
N ILE A 306 -16.53 19.33 1.16
CA ILE A 306 -16.08 20.67 1.45
C ILE A 306 -17.21 21.68 1.45
N GLU A 307 -18.25 21.47 0.63
CA GLU A 307 -19.40 22.38 0.65
C GLU A 307 -20.15 22.28 1.97
N LYS A 308 -20.69 21.09 2.27
CA LYS A 308 -21.32 20.81 3.56
C LYS A 308 -20.32 20.01 4.38
N ASP A 309 -19.53 20.72 5.19
CA ASP A 309 -18.32 20.19 5.80
C ASP A 309 -18.50 18.82 6.41
N GLU A 310 -17.79 17.83 5.86
CA GLU A 310 -17.80 16.46 6.37
C GLU A 310 -16.43 16.03 6.87
N LEU A 311 -15.44 16.93 6.84
CA LEU A 311 -14.15 16.64 7.42
C LEU A 311 -14.27 16.53 8.93
N PRO A 312 -13.37 15.80 9.58
CA PRO A 312 -13.45 15.67 11.04
C PRO A 312 -13.40 17.02 11.73
N ASP A 313 -14.23 17.18 12.77
CA ASP A 313 -14.43 18.46 13.42
C ASP A 313 -13.63 18.62 14.70
N GLY A 314 -12.81 17.63 15.06
CA GLY A 314 -12.05 17.69 16.29
C GLY A 314 -12.85 17.20 17.48
N LYS A 315 -12.15 17.02 18.59
CA LYS A 315 -12.79 16.62 19.83
C LYS A 315 -13.71 17.73 20.34
N GLU A 316 -14.81 17.32 20.97
CA GLU A 316 -15.81 18.29 21.42
C GLU A 316 -15.23 19.24 22.45
N GLU A 317 -14.47 18.73 23.41
CA GLU A 317 -13.86 19.54 24.45
C GLU A 317 -12.46 20.03 24.08
N ARG A 318 -11.99 19.73 22.87
CA ARG A 318 -10.63 20.11 22.49
C ARG A 318 -10.46 21.62 22.46
N ASP A 319 -11.46 22.33 21.95
CA ASP A 319 -11.48 23.78 21.76
C ASP A 319 -10.51 24.23 20.68
N LYS A 320 -9.72 23.34 20.11
CA LYS A 320 -8.87 23.63 18.96
C LYS A 320 -9.34 22.95 17.68
N GLY A 321 -10.36 22.10 17.77
CA GLY A 321 -10.84 21.40 16.60
C GLY A 321 -9.83 20.39 16.06
N HIS A 322 -9.93 20.13 14.77
CA HIS A 322 -8.99 19.22 14.11
C HIS A 322 -7.59 19.81 14.12
N HIS A 323 -6.60 18.92 14.24
CA HIS A 323 -5.21 19.37 14.28
C HIS A 323 -4.73 19.89 12.93
N LEU A 324 -5.44 19.56 11.85
CA LEU A 324 -5.07 20.01 10.52
C LEU A 324 -6.14 20.87 9.88
N TRP A 325 -7.41 20.45 9.93
CA TRP A 325 -8.48 21.20 9.28
C TRP A 325 -8.87 22.45 10.07
N ASP A 326 -8.69 22.43 11.38
CA ASP A 326 -9.01 23.60 12.22
C ASP A 326 -7.75 24.42 12.49
N ILE A 327 -7.11 24.87 11.41
CA ILE A 327 -5.94 25.73 11.49
C ILE A 327 -6.29 27.07 10.86
N LYS A 328 -6.06 28.15 11.60
CA LYS A 328 -6.37 29.49 11.12
C LYS A 328 -5.38 29.89 10.04
N VAL A 329 -5.84 29.94 8.80
CA VAL A 329 -5.04 30.42 7.67
C VAL A 329 -5.59 31.79 7.28
N GLN A 330 -4.71 32.79 7.25
CA GLN A 330 -5.11 34.19 7.08
C GLN A 330 -6.11 34.63 8.15
N GLY A 331 -6.01 34.04 9.34
CA GLY A 331 -6.99 34.28 10.38
C GLY A 331 -8.30 33.54 10.18
N THR A 332 -8.37 32.63 9.22
CA THR A 332 -9.59 31.93 8.87
C THR A 332 -9.34 30.43 8.90
N ALA A 333 -10.34 29.66 9.30
CA ALA A 333 -10.17 28.22 9.44
C ALA A 333 -9.87 27.58 8.09
N LEU A 334 -9.18 26.43 8.13
CA LEU A 334 -8.78 25.78 6.89
C LEU A 334 -9.96 25.18 6.14
N ARG A 335 -10.97 24.66 6.85
CA ARG A 335 -12.16 24.16 6.17
C ARG A 335 -12.89 25.29 5.47
N THR A 336 -13.07 26.41 6.15
CA THR A 336 -13.72 27.56 5.53
C THR A 336 -12.88 28.13 4.40
N LYS A 337 -11.55 28.11 4.55
CA LYS A 337 -10.68 28.56 3.47
C LYS A 337 -10.83 27.67 2.23
N LEU A 338 -10.88 26.35 2.44
CA LEU A 338 -11.07 25.44 1.31
C LEU A 338 -12.44 25.62 0.68
N LYS A 339 -13.46 25.87 1.51
CA LYS A 339 -14.79 26.14 0.97
C LYS A 339 -14.80 27.41 0.12
N GLU A 340 -14.13 28.46 0.59
CA GLU A 340 -14.04 29.70 -0.18
C GLU A 340 -13.29 29.48 -1.49
N LEU A 341 -12.22 28.69 -1.44
CA LEU A 341 -11.49 28.36 -2.66
C LEU A 341 -12.37 27.57 -3.63
N TRP A 342 -13.17 26.64 -3.10
CA TRP A 342 -14.04 25.84 -3.95
C TRP A 342 -15.09 26.70 -4.64
N GLN A 343 -15.76 27.57 -3.87
CA GLN A 343 -16.70 28.48 -4.52
C GLN A 343 -16.01 29.52 -5.41
N SER A 344 -14.71 29.74 -5.23
CA SER A 344 -13.96 30.63 -6.11
C SER A 344 -13.35 29.90 -7.30
N ASN A 345 -13.45 28.57 -7.35
CA ASN A 345 -12.91 27.78 -8.44
C ASN A 345 -13.90 26.71 -8.86
N LYS A 346 -15.19 27.06 -8.90
CA LYS A 346 -16.21 26.12 -9.33
C LYS A 346 -16.10 25.77 -10.82
N ASP A 347 -15.47 26.63 -11.62
CA ASP A 347 -15.48 26.45 -13.06
C ASP A 347 -14.70 25.21 -13.48
N ILE A 348 -13.56 24.94 -12.83
CA ILE A 348 -12.68 23.87 -13.29
C ILE A 348 -13.12 22.48 -12.83
N GLY A 349 -14.09 22.39 -11.93
CA GLY A 349 -14.56 21.11 -11.46
C GLY A 349 -13.86 20.65 -10.19
N TRP A 350 -14.52 19.73 -9.49
CA TRP A 350 -14.03 19.30 -8.18
C TRP A 350 -12.72 18.53 -8.31
N ARG A 351 -12.68 17.53 -9.20
CA ARG A 351 -11.48 16.71 -9.31
C ARG A 351 -10.29 17.54 -9.78
N LYS A 352 -10.50 18.40 -10.78
CA LYS A 352 -9.42 19.26 -11.26
C LYS A 352 -8.96 20.22 -10.17
N PHE A 353 -9.90 20.81 -9.45
CA PHE A 353 -9.54 21.77 -8.39
C PHE A 353 -8.74 21.10 -7.29
N THR A 354 -9.19 19.93 -6.83
CA THR A 354 -8.47 19.22 -5.77
C THR A 354 -7.10 18.77 -6.25
N GLU A 355 -7.03 18.23 -7.48
CA GLU A 355 -5.74 17.79 -8.01
C GLU A 355 -4.76 18.96 -8.11
N MET A 356 -5.22 20.10 -8.63
CA MET A 356 -4.33 21.24 -8.79
C MET A 356 -3.94 21.83 -7.44
N LEU A 357 -4.87 21.86 -6.48
CA LEU A 357 -4.54 22.39 -5.16
C LEU A 357 -3.52 21.50 -4.46
N GLY A 358 -3.71 20.18 -4.51
CA GLY A 358 -2.74 19.28 -3.92
C GLY A 358 -1.39 19.36 -4.59
N SER A 359 -1.38 19.42 -5.93
CA SER A 359 -0.12 19.54 -6.65
C SER A 359 0.60 20.84 -6.32
N ASN A 360 -0.15 21.94 -6.20
CA ASN A 360 0.48 23.21 -5.88
C ASN A 360 1.03 23.21 -4.46
N LEU A 361 0.26 22.69 -3.50
CA LEU A 361 0.80 22.55 -2.15
C LEU A 361 2.07 21.73 -2.16
N TYR A 362 2.10 20.67 -2.97
CA TYR A 362 3.29 19.85 -3.10
C TYR A 362 4.45 20.65 -3.68
N LEU A 363 4.19 21.51 -4.66
CA LEU A 363 5.26 22.27 -5.28
C LEU A 363 5.85 23.30 -4.32
N ILE A 364 5.00 24.09 -3.66
CA ILE A 364 5.54 25.07 -2.71
C ILE A 364 6.23 24.39 -1.53
N TYR A 365 5.71 23.23 -1.08
CA TYR A 365 6.44 22.50 -0.05
C TYR A 365 7.81 22.04 -0.57
N LYS A 366 7.85 21.52 -1.80
CA LYS A 366 9.09 21.02 -2.38
C LYS A 366 10.01 22.14 -2.83
N LYS A 367 9.46 23.26 -3.28
CA LYS A 367 10.29 24.41 -3.63
C LYS A 367 11.07 24.91 -2.42
N GLU A 368 10.54 24.70 -1.22
CA GLU A 368 11.18 25.09 0.03
C GLU A 368 11.87 23.92 0.71
N THR A 369 11.92 22.75 0.07
CA THR A 369 12.55 21.58 0.65
C THR A 369 13.58 20.98 -0.29
N SER A 394 21.82 -5.88 -47.49
CA SER A 394 20.96 -4.91 -46.82
C SER A 394 19.69 -4.65 -47.62
N ASP A 395 19.86 -4.09 -48.82
CA ASP A 395 18.74 -3.81 -49.71
C ASP A 395 18.39 -5.09 -50.47
N LEU A 396 17.42 -5.83 -49.96
CA LEU A 396 17.04 -7.12 -50.51
C LEU A 396 15.55 -7.16 -50.78
N PHE A 397 15.17 -7.95 -51.79
CA PHE A 397 13.78 -8.18 -52.14
C PHE A 397 13.41 -9.61 -51.76
N ILE A 398 12.30 -9.77 -51.04
CA ILE A 398 11.87 -11.10 -50.62
C ILE A 398 10.50 -11.38 -51.23
N PRO A 399 10.44 -12.07 -52.37
CA PRO A 399 9.16 -12.42 -52.98
C PRO A 399 8.53 -13.62 -52.30
N VAL A 400 7.45 -13.38 -51.57
CA VAL A 400 6.74 -14.44 -50.85
C VAL A 400 5.51 -14.80 -51.65
N THR A 401 5.47 -16.02 -52.15
CA THR A 401 4.32 -16.51 -52.91
C THR A 401 3.61 -17.59 -52.09
N PRO A 402 2.41 -17.32 -51.58
CA PRO A 402 1.70 -18.35 -50.84
C PRO A 402 1.35 -19.51 -51.74
N PRO A 403 1.27 -20.73 -51.19
CA PRO A 403 0.91 -21.88 -52.02
C PRO A 403 -0.47 -21.71 -52.64
N GLU A 404 -0.61 -22.20 -53.87
CA GLU A 404 -1.87 -22.07 -54.58
C GLU A 404 -2.98 -22.81 -53.85
N GLY A 405 -4.14 -22.16 -53.70
CA GLY A 405 -5.28 -22.76 -53.05
C GLY A 405 -5.28 -22.67 -51.54
N ILE A 406 -4.31 -21.98 -50.94
CA ILE A 406 -4.30 -21.84 -49.49
C ILE A 406 -5.42 -20.92 -49.05
N GLU A 407 -6.01 -21.23 -47.89
CA GLU A 407 -7.10 -20.44 -47.33
C GLU A 407 -6.57 -19.55 -46.21
N THR A 408 -6.77 -18.25 -46.35
CA THR A 408 -6.36 -17.27 -45.35
C THR A 408 -7.58 -16.57 -44.78
N LYS A 409 -7.55 -16.31 -43.47
CA LYS A 409 -8.67 -15.71 -42.78
C LYS A 409 -8.15 -14.66 -41.82
N GLU A 410 -9.09 -13.91 -41.22
CA GLU A 410 -8.75 -12.96 -40.17
C GLU A 410 -9.73 -13.16 -39.02
N TRP A 411 -9.21 -13.55 -37.86
CA TRP A 411 -10.03 -13.82 -36.69
C TRP A 411 -10.10 -12.58 -35.81
N ILE A 412 -11.24 -12.38 -35.17
CA ILE A 412 -11.45 -11.28 -34.23
C ILE A 412 -11.68 -11.88 -32.86
N ILE A 413 -10.91 -11.43 -31.87
CA ILE A 413 -11.06 -11.90 -30.50
C ILE A 413 -11.58 -10.75 -29.65
N VAL A 414 -12.90 -10.66 -29.52
CA VAL A 414 -13.54 -9.61 -28.74
C VAL A 414 -13.78 -10.11 -27.32
N GLY A 415 -13.74 -9.21 -26.36
CA GLY A 415 -13.96 -9.58 -24.98
C GLY A 415 -13.69 -8.40 -24.06
N ARG A 416 -13.74 -8.67 -22.77
CA ARG A 416 -13.50 -7.67 -21.75
C ARG A 416 -12.33 -8.10 -20.87
N LEU A 417 -11.41 -7.15 -20.60
CA LEU A 417 -10.25 -7.40 -19.77
C LEU A 417 -10.55 -6.91 -18.36
N LYS A 418 -11.32 -7.72 -17.63
CA LYS A 418 -11.60 -7.41 -16.23
C LYS A 418 -10.34 -7.51 -15.39
N ALA A 419 -10.14 -6.53 -14.52
CA ALA A 419 -8.96 -6.48 -13.67
C ALA A 419 -9.23 -7.29 -12.40
N ALA A 420 -8.61 -8.47 -12.31
CA ALA A 420 -8.74 -9.28 -11.11
C ALA A 420 -7.93 -8.74 -9.93
N THR A 421 -7.04 -7.79 -10.18
CA THR A 421 -6.22 -7.16 -9.17
C THR A 421 -6.16 -5.67 -9.45
N PRO A 422 -5.91 -4.83 -8.43
CA PRO A 422 -5.72 -3.40 -8.69
C PRO A 422 -4.55 -3.16 -9.63
N PHE A 423 -4.83 -2.65 -10.82
CA PHE A 423 -3.83 -2.58 -11.87
C PHE A 423 -3.05 -1.26 -11.81
N TYR A 424 -1.97 -1.21 -12.58
CA TYR A 424 -1.15 -0.02 -12.68
C TYR A 424 -0.49 0.00 -14.05
N PHE A 425 -0.73 1.07 -14.81
CA PHE A 425 -0.06 1.30 -16.09
C PHE A 425 0.74 2.58 -15.95
N GLY A 426 2.06 2.44 -15.87
CA GLY A 426 2.90 3.58 -15.58
C GLY A 426 2.94 4.60 -16.69
N VAL A 427 3.30 5.83 -16.30
CA VAL A 427 3.44 6.94 -17.23
C VAL A 427 4.40 7.93 -16.61
N GLN A 428 5.13 8.65 -17.47
CA GLN A 428 6.09 9.65 -17.00
C GLN A 428 5.36 10.80 -16.32
N GLN A 429 6.10 11.50 -15.46
CA GLN A 429 5.51 12.54 -14.63
C GLN A 429 5.05 13.72 -15.49
N PRO A 430 4.02 14.43 -15.05
CA PRO A 430 3.62 15.66 -15.74
C PRO A 430 4.71 16.71 -15.68
N SER A 431 4.68 17.63 -16.65
CA SER A 431 5.70 18.64 -16.90
C SER A 431 6.95 18.00 -17.50
N ASP A 432 6.95 16.66 -17.57
CA ASP A 432 7.92 15.90 -18.34
C ASP A 432 7.26 15.13 -19.48
N SER A 433 5.94 15.04 -19.50
CA SER A 433 5.19 14.41 -20.58
C SER A 433 4.73 15.43 -21.62
N ILE A 434 5.09 16.70 -21.46
CA ILE A 434 4.66 17.74 -22.39
C ILE A 434 5.38 17.54 -23.72
N PRO A 435 4.64 17.37 -24.82
CA PRO A 435 5.28 17.14 -26.12
C PRO A 435 5.62 18.47 -26.78
N GLY A 436 6.90 18.70 -27.02
CA GLY A 436 7.36 19.93 -27.64
C GLY A 436 8.54 20.55 -26.93
N GLU A 449 4.18 15.55 -11.18
CA GLU A 449 3.37 16.59 -10.56
C GLU A 449 3.31 16.40 -9.04
N HIS A 450 2.43 15.51 -8.60
CA HIS A 450 2.23 15.25 -7.17
C HIS A 450 2.63 13.83 -6.78
N ALA A 451 2.03 12.82 -7.42
CA ALA A 451 2.33 11.44 -7.07
C ALA A 451 3.66 11.00 -7.65
N SER A 452 4.34 10.11 -6.94
CA SER A 452 5.62 9.58 -7.42
C SER A 452 5.42 8.77 -8.70
N PHE A 453 4.39 7.93 -8.75
CA PHE A 453 4.08 7.12 -9.91
C PHE A 453 2.63 7.34 -10.30
N ASN A 454 2.41 7.97 -11.46
CA ASN A 454 1.07 8.22 -11.96
C ASN A 454 0.62 7.09 -12.87
N ILE A 455 -0.69 6.84 -12.88
CA ILE A 455 -1.27 5.84 -13.76
C ILE A 455 -1.66 6.51 -15.07
N LEU A 456 -1.74 5.71 -16.13
CA LEU A 456 -1.99 6.24 -17.46
C LEU A 456 -3.48 6.44 -17.68
N LEU A 457 -3.87 7.66 -18.05
CA LEU A 457 -5.24 7.98 -18.42
C LEU A 457 -5.21 8.85 -19.68
N ASP A 458 -6.31 8.84 -20.42
CA ASP A 458 -6.44 9.70 -21.59
C ASP A 458 -7.02 11.05 -21.16
N LYS A 459 -7.47 11.84 -22.14
CA LYS A 459 -7.86 13.21 -21.87
C LYS A 459 -9.07 13.31 -20.94
N GLU A 460 -9.95 12.32 -20.95
CA GLU A 460 -11.16 12.34 -20.14
C GLU A 460 -10.98 11.66 -18.79
N ASN A 461 -9.73 11.51 -18.31
CA ASN A 461 -9.42 11.03 -16.96
C ASN A 461 -9.93 9.61 -16.71
N ARG A 462 -10.18 8.83 -17.76
CA ARG A 462 -10.60 7.45 -17.63
C ARG A 462 -9.43 6.52 -17.88
N TYR A 463 -9.48 5.35 -17.26
CA TYR A 463 -8.34 4.43 -17.32
C TYR A 463 -8.17 3.85 -18.72
N ARG A 464 -6.92 3.68 -19.11
CA ARG A 464 -6.57 3.22 -20.45
C ARG A 464 -5.62 2.03 -20.37
N ILE A 465 -5.90 1.02 -21.19
CA ILE A 465 -4.93 -0.04 -21.45
C ILE A 465 -4.40 0.19 -22.86
N PRO A 466 -3.20 0.74 -23.01
CA PRO A 466 -2.67 0.98 -24.35
C PRO A 466 -2.36 -0.32 -25.06
N ARG A 467 -2.53 -0.31 -26.39
CA ARG A 467 -2.24 -1.52 -27.15
C ARG A 467 -0.77 -1.88 -27.08
N SER A 468 0.11 -0.89 -26.98
CA SER A 468 1.54 -1.16 -26.92
C SER A 468 1.89 -1.96 -25.66
N ALA A 469 1.30 -1.59 -24.53
CA ALA A 469 1.49 -2.38 -23.31
C ALA A 469 0.80 -3.73 -23.39
N LEU A 470 -0.34 -3.79 -24.08
CA LEU A 470 -1.04 -5.06 -24.23
C LEU A 470 -0.34 -5.96 -25.24
N ARG A 471 0.16 -5.36 -26.34
CA ARG A 471 0.89 -6.14 -27.34
C ARG A 471 2.22 -6.63 -26.79
N GLY A 472 2.89 -5.81 -25.97
CA GLY A 472 4.14 -6.24 -25.37
C GLY A 472 3.97 -7.40 -24.41
N ALA A 473 2.84 -7.45 -23.71
CA ALA A 473 2.56 -8.59 -22.84
C ALA A 473 2.17 -9.81 -23.65
N LEU A 474 1.46 -9.62 -24.76
CA LEU A 474 1.12 -10.74 -25.62
C LEU A 474 2.37 -11.33 -26.27
N ARG A 475 3.33 -10.48 -26.65
CA ARG A 475 4.59 -10.98 -27.18
C ARG A 475 5.33 -11.83 -26.15
N ARG A 476 5.34 -11.38 -24.89
CA ARG A 476 5.96 -12.16 -23.84
C ARG A 476 5.23 -13.48 -23.62
N ASP A 477 3.90 -13.45 -23.66
CA ASP A 477 3.13 -14.66 -23.39
C ASP A 477 3.19 -15.65 -24.54
N LEU A 478 3.22 -15.17 -25.79
CA LEU A 478 3.45 -16.08 -26.90
C LEU A 478 4.83 -16.71 -26.84
N ARG A 479 5.84 -15.92 -26.48
CA ARG A 479 7.19 -16.48 -26.37
C ARG A 479 7.24 -17.54 -25.28
N THR A 480 6.53 -17.32 -24.17
CA THR A 480 6.41 -18.36 -23.16
C THR A 480 5.66 -19.57 -23.72
N ALA A 481 4.57 -19.34 -24.44
CA ALA A 481 3.80 -20.44 -25.01
C ALA A 481 4.62 -21.20 -26.06
N PHE A 482 5.33 -20.47 -26.93
CA PHE A 482 6.18 -21.11 -27.91
C PHE A 482 7.35 -21.82 -27.25
N GLY A 483 7.92 -21.22 -26.21
CA GLY A 483 9.09 -21.75 -25.55
C GLY A 483 10.41 -21.40 -26.22
N SER A 484 10.37 -20.71 -27.36
CA SER A 484 11.60 -20.34 -28.07
C SER A 484 11.29 -19.06 -28.86
N GLY A 485 11.69 -17.92 -28.34
CA GLY A 485 11.51 -16.64 -28.98
C GLY A 485 12.84 -15.90 -29.09
N CYS A 486 12.73 -14.59 -29.23
CA CYS A 486 13.90 -13.74 -29.35
C CYS A 486 13.69 -12.46 -28.55
N ASN A 487 14.81 -11.84 -28.17
CA ASN A 487 14.79 -10.47 -27.68
C ASN A 487 14.71 -9.56 -28.88
N VAL A 488 13.55 -8.93 -29.08
CA VAL A 488 13.28 -8.18 -30.30
C VAL A 488 14.35 -7.13 -30.53
N SER A 489 14.85 -7.06 -31.76
CA SER A 489 15.93 -6.15 -32.14
C SER A 489 15.37 -4.97 -32.90
N LEU A 490 15.90 -3.79 -32.62
CA LEU A 490 15.44 -2.55 -33.23
C LEU A 490 16.36 -2.15 -34.38
N GLY A 491 15.76 -1.72 -35.49
CA GLY A 491 16.50 -1.26 -36.64
C GLY A 491 16.98 -2.34 -37.59
N GLY A 492 16.66 -3.60 -37.32
CA GLY A 492 17.11 -4.69 -38.18
C GLY A 492 16.61 -4.60 -39.60
N GLN A 493 17.51 -4.79 -40.57
CA GLN A 493 17.14 -4.75 -41.97
C GLN A 493 16.40 -5.99 -42.43
N ILE A 494 16.35 -7.04 -41.61
CA ILE A 494 15.71 -8.31 -41.96
C ILE A 494 14.64 -8.61 -40.93
N LEU A 495 13.43 -8.92 -41.41
CA LEU A 495 12.36 -9.34 -40.52
C LEU A 495 12.78 -10.59 -39.75
N CYS A 496 12.53 -10.57 -38.45
CA CYS A 496 12.91 -11.71 -37.62
C CYS A 496 12.08 -12.93 -37.98
N ASN A 497 12.76 -14.08 -38.09
CA ASN A 497 12.15 -15.31 -38.58
C ASN A 497 11.76 -16.24 -37.43
N CYS A 498 11.84 -15.78 -36.19
CA CYS A 498 11.50 -16.65 -35.08
C CYS A 498 9.98 -16.86 -35.03
N LYS A 499 9.56 -17.75 -34.13
CA LYS A 499 8.16 -18.14 -34.07
C LYS A 499 7.27 -16.99 -33.62
N VAL A 500 7.65 -16.30 -32.55
CA VAL A 500 6.77 -15.27 -31.98
C VAL A 500 6.69 -14.06 -32.89
N CYS A 501 7.81 -13.65 -33.51
CA CYS A 501 7.79 -12.48 -34.36
C CYS A 501 6.94 -12.70 -35.61
N ILE A 502 6.86 -13.94 -36.10
CA ILE A 502 6.04 -14.23 -37.27
C ILE A 502 4.57 -13.95 -36.96
N GLU A 503 4.11 -14.35 -35.78
CA GLU A 503 2.70 -14.19 -35.43
C GLU A 503 2.37 -12.80 -34.90
N MET A 504 3.35 -12.06 -34.39
CA MET A 504 3.09 -10.68 -33.99
C MET A 504 2.79 -9.80 -35.19
N ARG A 505 3.35 -10.14 -36.36
CA ARG A 505 3.07 -9.36 -37.56
C ARG A 505 1.67 -9.64 -38.10
N ARG A 506 1.14 -10.83 -37.83
CA ARG A 506 -0.23 -11.15 -38.18
C ARG A 506 -1.25 -10.72 -37.14
N ILE A 507 -0.80 -10.38 -35.93
CA ILE A 507 -1.67 -9.99 -34.84
C ILE A 507 -1.74 -8.47 -34.79
N THR A 508 -2.95 -7.93 -34.85
CA THR A 508 -3.20 -6.54 -34.56
C THR A 508 -4.26 -6.44 -33.47
N LEU A 509 -4.02 -5.56 -32.51
CA LEU A 509 -4.87 -5.44 -31.33
C LEU A 509 -4.99 -3.98 -30.95
N LYS A 510 -6.19 -3.55 -30.59
CA LYS A 510 -6.51 -2.14 -30.49
C LYS A 510 -6.37 -1.62 -29.07
N ASP A 511 -6.17 -0.31 -28.97
CA ASP A 511 -6.13 0.38 -27.68
C ASP A 511 -7.50 0.41 -27.04
N SER A 512 -7.53 0.33 -25.71
CA SER A 512 -8.77 0.24 -24.98
C SER A 512 -8.76 1.20 -23.79
N VAL A 513 -9.90 1.85 -23.57
CA VAL A 513 -10.12 2.69 -22.40
C VAL A 513 -11.38 2.21 -21.69
N SER A 514 -11.31 2.13 -20.36
CA SER A 514 -12.47 1.75 -19.58
C SER A 514 -13.37 2.97 -19.36
N ASP A 515 -14.67 2.79 -19.57
CA ASP A 515 -15.62 3.88 -19.39
C ASP A 515 -15.83 4.17 -17.90
N PHE A 516 -14.77 4.62 -17.23
CA PHE A 516 -14.80 4.84 -15.78
C PHE A 516 -13.87 6.03 -15.50
N SER A 517 -14.46 7.21 -15.44
CA SER A 517 -13.70 8.45 -15.26
C SER A 517 -13.72 8.85 -13.78
N GLU A 518 -13.04 8.03 -12.99
CA GLU A 518 -12.91 8.28 -11.56
C GLU A 518 -11.45 8.30 -11.15
N PRO A 519 -11.11 9.04 -10.10
CA PRO A 519 -9.70 9.20 -9.72
C PRO A 519 -9.08 7.87 -9.34
N PRO A 520 -7.80 7.66 -9.69
CA PRO A 520 -7.11 6.45 -9.25
C PRO A 520 -6.78 6.51 -7.77
N GLU A 521 -6.94 5.36 -7.10
CA GLU A 521 -6.57 5.26 -5.69
C GLU A 521 -5.07 5.42 -5.52
N ILE A 522 -4.67 5.93 -4.36
CA ILE A 522 -3.26 6.12 -4.03
C ILE A 522 -2.85 5.03 -3.05
N ARG A 523 -1.79 4.31 -3.39
CA ARG A 523 -1.29 3.20 -2.58
C ARG A 523 0.16 3.53 -2.21
N TYR A 524 0.37 3.91 -0.95
CA TYR A 524 1.70 4.29 -0.50
C TYR A 524 2.59 3.07 -0.33
N ARG A 525 3.90 3.31 -0.21
CA ARG A 525 4.86 2.24 -0.08
C ARG A 525 6.06 2.74 0.70
N ILE A 526 6.60 1.88 1.57
CA ILE A 526 7.80 2.18 2.34
C ILE A 526 8.75 1.00 2.21
N ALA A 527 9.99 1.23 2.65
CA ALA A 527 10.98 0.17 2.74
C ALA A 527 11.51 0.13 4.17
N LYS A 528 11.43 -1.04 4.79
CA LYS A 528 11.91 -1.20 6.15
C LYS A 528 13.42 -1.37 6.17
N ASN A 529 14.06 -0.72 7.15
CA ASN A 529 15.49 -0.91 7.35
C ASN A 529 15.70 -2.25 8.06
N PRO A 530 16.43 -3.20 7.46
CA PRO A 530 16.61 -4.50 8.11
C PRO A 530 17.29 -4.40 9.47
N GLY A 531 18.24 -3.47 9.63
CA GLY A 531 18.94 -3.36 10.89
C GLY A 531 18.07 -2.88 12.03
N THR A 532 17.18 -1.92 11.76
CA THR A 532 16.37 -1.31 12.80
C THR A 532 14.89 -1.67 12.70
N ALA A 533 14.48 -2.41 11.67
CA ALA A 533 13.10 -2.81 11.46
C ALA A 533 12.15 -1.61 11.44
N THR A 534 12.67 -0.44 11.11
CA THR A 534 11.88 0.77 10.92
C THR A 534 12.02 1.23 9.47
N VAL A 535 11.32 2.32 9.12
CA VAL A 535 11.35 2.80 7.75
C VAL A 535 12.76 3.28 7.39
N GLU A 536 13.04 3.24 6.10
CA GLU A 536 14.31 3.75 5.57
C GLU A 536 14.17 5.24 5.26
N ASP A 537 15.27 5.97 5.44
CA ASP A 537 15.27 7.39 5.17
C ASP A 537 15.09 7.65 3.69
N GLY A 538 14.11 8.47 3.34
CA GLY A 538 13.85 8.80 1.95
C GLY A 538 13.39 7.64 1.10
N SER A 539 12.53 6.78 1.64
CA SER A 539 12.04 5.61 0.92
C SER A 539 10.54 5.46 1.10
N LEU A 540 9.81 6.56 0.96
CA LEU A 540 8.35 6.56 0.99
C LEU A 540 7.84 7.17 -0.31
N PHE A 541 6.93 6.47 -0.98
CA PHE A 541 6.41 6.93 -2.25
C PHE A 541 4.97 6.44 -2.42
N ASP A 542 4.23 7.14 -3.26
CA ASP A 542 2.82 6.85 -3.52
C ASP A 542 2.63 6.48 -4.99
N ILE A 543 1.73 5.53 -5.24
CA ILE A 543 1.50 4.99 -6.57
C ILE A 543 0.03 5.13 -6.91
N GLU A 544 -0.26 5.68 -8.08
CA GLU A 544 -1.63 5.74 -8.59
C GLU A 544 -2.02 4.40 -9.17
N VAL A 545 -3.01 3.76 -8.57
CA VAL A 545 -3.45 2.42 -8.98
C VAL A 545 -4.94 2.47 -9.28
N GLY A 546 -5.36 1.72 -10.30
CA GLY A 546 -6.75 1.65 -10.66
C GLY A 546 -7.53 0.70 -9.78
N PRO A 547 -8.84 0.84 -9.77
CA PRO A 547 -9.67 -0.08 -8.96
C PRO A 547 -9.65 -1.49 -9.52
N GLU A 548 -9.86 -2.45 -8.63
CA GLU A 548 -9.91 -3.85 -9.00
C GLU A 548 -11.30 -4.19 -9.50
N GLY A 549 -11.40 -4.63 -10.75
CA GLY A 549 -12.69 -5.01 -11.33
C GLY A 549 -13.08 -4.22 -12.57
N LEU A 550 -12.30 -3.24 -13.01
CA LEU A 550 -12.63 -2.55 -14.26
C LEU A 550 -12.54 -3.50 -15.45
N THR A 551 -13.52 -3.41 -16.32
CA THR A 551 -13.60 -4.24 -17.52
C THR A 551 -13.20 -3.37 -18.71
N PHE A 552 -11.99 -3.57 -19.22
CA PHE A 552 -11.57 -2.89 -20.43
C PHE A 552 -11.93 -3.74 -21.65
N PRO A 553 -12.40 -3.11 -22.73
CA PRO A 553 -12.67 -3.88 -23.95
C PRO A 553 -11.38 -4.51 -24.48
N PHE A 554 -11.53 -5.67 -25.09
CA PHE A 554 -10.40 -6.39 -25.65
C PHE A 554 -10.68 -6.72 -27.11
N VAL A 555 -9.78 -6.27 -27.99
CA VAL A 555 -9.87 -6.54 -29.41
C VAL A 555 -8.54 -7.11 -29.88
N LEU A 556 -8.58 -8.23 -30.58
CA LEU A 556 -7.39 -8.85 -31.15
C LEU A 556 -7.76 -9.42 -32.50
N ARG A 557 -7.17 -8.89 -33.56
CA ARG A 557 -7.38 -9.38 -34.91
C ARG A 557 -6.13 -10.10 -35.37
N TYR A 558 -6.28 -11.35 -35.79
CA TYR A 558 -5.18 -12.16 -36.30
C TYR A 558 -5.49 -12.50 -37.75
N ARG A 559 -4.64 -12.05 -38.68
CA ARG A 559 -4.80 -12.31 -40.10
C ARG A 559 -3.75 -13.32 -40.53
N GLY A 560 -4.15 -14.58 -40.62
CA GLY A 560 -3.24 -15.64 -41.02
C GLY A 560 -3.99 -16.76 -41.69
N HIS A 561 -3.23 -17.75 -42.17
CA HIS A 561 -3.84 -18.90 -42.83
C HIS A 561 -4.49 -19.84 -41.84
N LYS A 562 -3.88 -20.01 -40.66
CA LYS A 562 -4.42 -20.87 -39.62
C LYS A 562 -4.25 -20.19 -38.27
N PHE A 563 -5.27 -20.30 -37.42
CA PHE A 563 -5.17 -19.76 -36.07
C PHE A 563 -4.19 -20.60 -35.26
N PRO A 564 -3.12 -20.02 -34.73
CA PRO A 564 -2.11 -20.83 -34.06
C PRO A 564 -2.58 -21.28 -32.68
N GLU A 565 -2.27 -22.54 -32.36
CA GLU A 565 -2.58 -23.06 -31.03
C GLU A 565 -1.73 -22.40 -29.94
N GLN A 566 -0.65 -21.71 -30.31
CA GLN A 566 0.14 -20.98 -29.33
C GLN A 566 -0.56 -19.69 -28.92
N LEU A 567 -1.24 -19.03 -29.86
CA LEU A 567 -2.02 -17.84 -29.51
C LEU A 567 -3.32 -18.21 -28.83
N SER A 568 -3.94 -19.33 -29.23
CA SER A 568 -5.12 -19.81 -28.52
C SER A 568 -4.81 -20.11 -27.06
N SER A 569 -3.59 -20.60 -26.80
CA SER A 569 -3.18 -20.86 -25.43
C SER A 569 -3.12 -19.57 -24.62
N VAL A 570 -2.57 -18.51 -25.18
CA VAL A 570 -2.50 -17.23 -24.48
C VAL A 570 -3.90 -16.68 -24.25
N ILE A 571 -4.79 -16.84 -25.22
CA ILE A 571 -6.18 -16.44 -25.03
C ILE A 571 -6.81 -17.24 -23.91
N ARG A 572 -6.56 -18.55 -23.88
CA ARG A 572 -7.03 -19.37 -22.76
C ARG A 572 -6.27 -19.09 -21.49
N TYR A 573 -4.97 -18.78 -21.59
CA TYR A 573 -4.20 -18.39 -20.42
C TYR A 573 -4.77 -17.11 -19.81
N TRP A 574 -5.12 -16.14 -20.66
CA TRP A 574 -5.70 -14.90 -20.19
C TRP A 574 -7.16 -15.06 -19.79
N GLU A 575 -7.88 -15.99 -20.41
CA GLU A 575 -9.29 -16.16 -20.11
C GLU A 575 -9.49 -16.63 -18.67
N GLU A 576 -10.48 -16.05 -18.01
CA GLU A 576 -10.82 -16.42 -16.63
C GLU A 576 -11.82 -17.56 -16.68
N ASN A 577 -11.32 -18.79 -16.50
CA ASN A 577 -12.18 -19.97 -16.50
C ASN A 577 -12.75 -20.17 -15.08
N ASP A 578 -13.32 -21.34 -14.85
CA ASP A 578 -13.87 -21.64 -13.53
C ASP A 578 -12.78 -21.63 -12.45
N GLY A 579 -11.61 -22.18 -12.76
CA GLY A 579 -10.52 -22.20 -11.81
C GLY A 579 -9.29 -21.46 -12.27
N LYS A 580 -9.29 -20.98 -13.52
CA LYS A 580 -8.14 -20.27 -14.06
C LYS A 580 -8.04 -18.84 -13.51
N ASN A 581 -9.19 -18.21 -13.23
CA ASN A 581 -9.29 -16.89 -12.62
C ASN A 581 -8.48 -15.81 -13.37
N GLY A 582 -8.07 -16.10 -14.61
CA GLY A 582 -7.40 -15.11 -15.42
C GLY A 582 -5.92 -14.99 -15.11
N MET A 583 -5.07 -14.99 -16.14
CA MET A 583 -3.63 -14.90 -15.98
C MET A 583 -3.03 -13.92 -16.97
N ALA A 584 -3.69 -12.78 -17.19
CA ALA A 584 -3.16 -11.74 -18.06
C ALA A 584 -2.42 -10.72 -17.21
N TRP A 585 -1.15 -11.02 -16.94
CA TRP A 585 -0.32 -10.10 -16.18
C TRP A 585 0.01 -8.90 -17.05
N LEU A 586 -0.78 -7.84 -16.92
CA LEU A 586 -0.78 -6.73 -17.87
C LEU A 586 -0.38 -5.45 -17.15
N GLY A 587 0.60 -4.75 -17.70
CA GLY A 587 1.06 -3.50 -17.13
C GLY A 587 2.33 -3.64 -16.33
N GLY A 588 2.48 -2.79 -15.31
CA GLY A 588 3.64 -2.81 -14.45
C GLY A 588 3.30 -3.19 -13.02
N LEU A 589 4.34 -3.16 -12.18
CA LEU A 589 4.24 -3.48 -10.77
C LEU A 589 3.63 -4.87 -10.56
N ASP A 590 4.00 -5.80 -11.46
CA ASP A 590 3.44 -7.15 -11.40
C ASP A 590 3.90 -7.92 -10.18
N SER A 591 5.07 -7.59 -9.64
CA SER A 591 5.57 -8.31 -8.47
C SER A 591 4.72 -8.05 -7.24
N THR A 592 4.04 -6.90 -7.19
CA THR A 592 3.12 -6.59 -6.11
C THR A 592 1.67 -6.87 -6.50
N GLY A 593 1.46 -7.72 -7.50
CA GLY A 593 0.12 -8.08 -7.93
C GLY A 593 -0.70 -6.94 -8.50
N LYS A 594 -0.08 -6.09 -9.32
CA LYS A 594 -0.76 -4.98 -9.96
C LYS A 594 -0.92 -5.29 -11.44
N GLY A 595 -2.15 -5.53 -11.86
CA GLY A 595 -2.42 -5.72 -13.28
C GLY A 595 -2.50 -7.16 -13.72
N ARG A 596 -3.14 -8.01 -12.92
CA ARG A 596 -3.49 -9.37 -13.37
C ARG A 596 -4.92 -9.31 -13.87
N PHE A 597 -5.09 -9.20 -15.17
CA PHE A 597 -6.41 -9.01 -15.76
C PHE A 597 -7.05 -10.35 -16.07
N ALA A 598 -8.34 -10.45 -15.79
CA ALA A 598 -9.12 -11.66 -16.02
C ALA A 598 -9.93 -11.45 -17.30
N LEU A 599 -9.31 -11.74 -18.44
CA LEU A 599 -9.97 -11.62 -19.73
C LEU A 599 -11.19 -12.54 -19.77
N LYS A 600 -12.32 -12.02 -20.23
CA LYS A 600 -13.56 -12.77 -20.20
C LYS A 600 -14.51 -12.23 -21.27
N ASP A 601 -15.68 -12.86 -21.36
CA ASP A 601 -16.69 -12.52 -22.38
C ASP A 601 -16.12 -12.66 -23.79
N ILE A 602 -15.34 -13.71 -24.00
CA ILE A 602 -14.64 -13.91 -25.26
C ILE A 602 -15.59 -14.48 -26.30
N LYS A 603 -15.65 -13.82 -27.46
CA LYS A 603 -16.32 -14.32 -28.64
C LYS A 603 -15.35 -14.26 -29.81
N ILE A 604 -15.30 -15.33 -30.60
CA ILE A 604 -14.36 -15.44 -31.72
C ILE A 604 -15.16 -15.28 -33.01
N PHE A 605 -14.77 -14.30 -33.81
CA PHE A 605 -15.36 -14.08 -35.12
C PHE A 605 -14.25 -14.10 -36.17
N GLU A 606 -14.56 -14.64 -37.34
CA GLU A 606 -13.58 -14.76 -38.40
C GLU A 606 -14.20 -14.38 -39.74
N TRP A 607 -13.35 -13.89 -40.63
CA TRP A 607 -13.73 -13.57 -42.00
C TRP A 607 -13.12 -14.60 -42.94
N ASP A 608 -13.92 -15.13 -43.85
CA ASP A 608 -13.38 -15.99 -44.90
C ASP A 608 -12.66 -15.12 -45.91
N LEU A 609 -11.48 -14.62 -45.54
CA LEU A 609 -10.84 -13.55 -46.29
C LEU A 609 -10.50 -13.96 -47.72
N ASN A 610 -10.33 -15.26 -47.96
CA ASN A 610 -9.93 -15.71 -49.29
C ASN A 610 -11.08 -15.58 -50.29
N GLN A 611 -12.28 -15.99 -49.90
CA GLN A 611 -13.42 -16.02 -50.81
C GLN A 611 -14.60 -15.18 -50.36
N LYS A 612 -14.50 -14.49 -49.22
CA LYS A 612 -15.57 -13.64 -48.71
C LYS A 612 -15.02 -12.24 -48.41
N ILE A 613 -14.24 -11.72 -49.35
CA ILE A 613 -13.59 -10.41 -49.19
C ILE A 613 -14.49 -9.26 -49.61
N ASN A 614 -15.60 -9.53 -50.30
CA ASN A 614 -16.39 -8.46 -50.91
C ASN A 614 -16.91 -7.49 -49.87
N GLU A 615 -17.44 -8.00 -48.75
CA GLU A 615 -18.00 -7.14 -47.71
C GLU A 615 -17.05 -6.96 -46.54
N TYR A 616 -15.80 -7.40 -46.64
CA TYR A 616 -14.80 -7.01 -45.66
C TYR A 616 -14.38 -5.57 -45.88
N ILE A 617 -14.25 -5.15 -47.14
CA ILE A 617 -14.04 -3.74 -47.47
C ILE A 617 -15.29 -2.93 -47.14
N LYS A 618 -16.46 -3.49 -47.42
CA LYS A 618 -17.71 -2.76 -47.17
C LYS A 618 -17.88 -2.42 -45.70
N GLU A 619 -17.59 -3.37 -44.81
CA GLU A 619 -17.68 -3.15 -43.38
C GLU A 619 -16.36 -2.70 -42.78
N ARG A 620 -15.32 -2.53 -43.58
CA ARG A 620 -13.99 -2.10 -43.12
C ARG A 620 -13.46 -3.02 -42.03
N GLY A 621 -13.77 -4.31 -42.15
CA GLY A 621 -13.29 -5.28 -41.18
C GLY A 621 -13.80 -5.06 -39.77
N MET A 622 -14.96 -4.42 -39.62
CA MET A 622 -15.53 -4.10 -38.31
C MET A 622 -14.53 -3.32 -37.46
N ARG A 623 -13.81 -2.40 -38.08
CA ARG A 623 -12.82 -1.60 -37.39
C ARG A 623 -13.48 -0.39 -36.74
N GLY A 624 -13.25 -0.23 -35.43
CA GLY A 624 -13.80 0.88 -34.69
C GLY A 624 -15.17 0.65 -34.09
N LYS A 625 -15.84 -0.44 -34.46
CA LYS A 625 -17.14 -0.78 -33.88
C LYS A 625 -17.13 -2.20 -33.35
N GLU A 626 -16.05 -2.59 -32.67
CA GLU A 626 -15.99 -3.92 -32.07
C GLU A 626 -16.88 -4.06 -30.86
N LYS A 627 -17.29 -2.94 -30.24
CA LYS A 627 -18.24 -3.00 -29.14
C LYS A 627 -19.57 -3.58 -29.60
N GLU A 628 -19.98 -3.28 -30.83
CA GLU A 628 -21.18 -3.90 -31.39
C GLU A 628 -21.00 -5.41 -31.53
N LEU A 629 -19.80 -5.84 -31.96
CA LEU A 629 -19.52 -7.27 -32.02
C LEU A 629 -19.58 -7.92 -30.64
N LEU A 630 -19.01 -7.24 -29.63
CA LEU A 630 -19.06 -7.77 -28.27
C LEU A 630 -20.50 -7.84 -27.77
N GLU A 631 -21.29 -6.79 -28.02
CA GLU A 631 -22.69 -6.81 -27.62
C GLU A 631 -23.47 -7.88 -28.41
N MET A 632 -23.25 -7.93 -29.72
CA MET A 632 -23.92 -8.92 -30.57
C MET A 632 -23.21 -9.03 -31.92
N LEU A 637 -24.93 -8.35 -36.33
CA LEU A 637 -24.85 -9.58 -37.11
C LEU A 637 -24.32 -9.30 -38.51
N PRO A 638 -23.03 -9.00 -38.62
CA PRO A 638 -22.46 -8.66 -39.94
C PRO A 638 -22.45 -9.85 -40.88
N ASP A 639 -22.52 -9.56 -42.17
CA ASP A 639 -22.46 -10.59 -43.19
C ASP A 639 -21.00 -10.98 -43.46
N GLY A 640 -20.77 -12.28 -43.62
CA GLY A 640 -19.43 -12.76 -43.84
C GLY A 640 -18.57 -12.81 -42.59
N LEU A 641 -19.18 -12.76 -41.41
CA LEU A 641 -18.49 -12.76 -40.13
C LEU A 641 -19.02 -13.87 -39.25
N ILE A 642 -19.08 -15.08 -39.79
CA ILE A 642 -19.60 -16.21 -39.01
C ILE A 642 -18.69 -16.44 -37.81
N PRO A 643 -19.23 -16.80 -36.64
CA PRO A 643 -18.37 -17.04 -35.48
C PRO A 643 -17.45 -18.22 -35.70
N TYR A 644 -16.27 -18.15 -35.09
CA TYR A 644 -15.26 -19.20 -35.19
C TYR A 644 -15.52 -20.20 -34.06
N LYS A 645 -16.17 -21.30 -34.38
CA LYS A 645 -16.53 -22.32 -33.39
C LYS A 645 -15.45 -23.37 -33.21
N PHE A 646 -14.36 -23.30 -33.97
CA PHE A 646 -13.28 -24.27 -33.87
C PHE A 646 -12.20 -23.87 -32.87
N PHE A 647 -12.54 -22.99 -31.92
CA PHE A 647 -11.56 -22.53 -30.94
C PHE A 647 -11.45 -23.56 -29.81
N GLU A 648 -10.24 -24.04 -29.58
CA GLU A 648 -10.03 -25.14 -28.65
C GLU A 648 -10.23 -24.67 -27.20
N GLU A 649 -10.52 -25.64 -26.34
CA GLU A 649 -10.74 -25.37 -24.93
C GLU A 649 -9.39 -25.18 -24.22
N ARG A 650 -9.46 -24.96 -22.91
CA ARG A 650 -8.25 -24.70 -22.13
C ARG A 650 -7.36 -25.93 -22.07
N GLU A 651 -7.92 -27.08 -21.70
CA GLU A 651 -7.15 -28.31 -21.57
C GLU A 651 -7.13 -29.11 -22.86
N CYS A 652 -6.82 -28.45 -23.97
CA CYS A 652 -6.70 -29.11 -25.27
C CYS A 652 -5.54 -28.59 -26.10
N LEU A 653 -4.72 -27.69 -25.56
CA LEU A 653 -3.67 -27.01 -26.32
C LEU A 653 -2.32 -27.40 -25.73
N PHE A 654 -1.45 -27.94 -26.57
CA PHE A 654 -0.13 -28.38 -26.10
C PHE A 654 0.71 -27.24 -25.53
N PRO A 655 0.86 -26.08 -26.20
CA PRO A 655 1.68 -25.02 -25.60
C PRO A 655 1.11 -24.43 -24.33
N TYR A 656 -0.19 -24.60 -24.07
CA TYR A 656 -0.78 -24.08 -22.84
C TYR A 656 -0.35 -24.90 -21.63
N LYS A 657 -0.70 -26.19 -21.64
CA LYS A 657 -0.42 -27.04 -20.48
C LYS A 657 1.07 -27.26 -20.30
N GLU A 658 1.82 -27.35 -21.40
CA GLU A 658 3.25 -27.60 -21.31
C GLU A 658 4.03 -26.36 -20.86
N ASN A 659 3.66 -25.19 -21.39
CA ASN A 659 4.47 -23.99 -21.21
C ASN A 659 3.77 -22.88 -20.44
N LEU A 660 2.48 -22.65 -20.69
CA LEU A 660 1.78 -21.52 -20.09
C LEU A 660 1.16 -21.85 -18.73
N LYS A 661 0.56 -23.04 -18.61
CA LYS A 661 -0.08 -23.41 -17.34
C LYS A 661 0.91 -23.45 -16.18
N PRO A 662 2.09 -24.07 -16.28
CA PRO A 662 3.03 -24.07 -15.15
C PRO A 662 3.83 -22.79 -15.00
N GLN A 663 3.58 -21.77 -15.83
CA GLN A 663 4.41 -20.57 -15.80
C GLN A 663 4.34 -19.88 -14.44
N TRP A 664 3.15 -19.74 -13.88
CA TRP A 664 2.96 -19.18 -12.55
C TRP A 664 2.09 -20.11 -11.73
N SER A 665 2.55 -20.48 -10.55
CA SER A 665 1.83 -21.40 -9.67
C SER A 665 1.24 -20.61 -8.51
N GLU A 666 -0.08 -20.74 -8.32
CA GLU A 666 -0.79 -20.01 -7.30
C GLU A 666 -0.70 -20.71 -5.95
N VAL A 667 -0.48 -19.93 -4.90
CA VAL A 667 -0.50 -20.43 -3.53
C VAL A 667 -1.47 -19.55 -2.77
N GLN A 668 -2.72 -20.01 -2.65
CA GLN A 668 -3.74 -19.28 -1.91
C GLN A 668 -3.78 -19.75 -0.47
N TYR A 669 -3.97 -18.81 0.45
CA TYR A 669 -4.02 -19.12 1.87
C TYR A 669 -4.64 -17.94 2.60
N THR A 670 -5.36 -18.25 3.67
CA THR A 670 -5.95 -17.22 4.52
C THR A 670 -5.17 -17.11 5.82
N ILE A 671 -4.86 -15.89 6.22
CA ILE A 671 -4.11 -15.62 7.44
C ILE A 671 -5.12 -15.35 8.55
N GLU A 672 -5.04 -16.14 9.62
CA GLU A 672 -5.94 -16.01 10.76
C GLU A 672 -5.25 -15.17 11.82
N VAL A 673 -5.71 -13.93 11.98
CA VAL A 673 -5.16 -13.00 12.95
C VAL A 673 -6.19 -12.78 14.06
N GLY A 674 -5.79 -13.02 15.30
CA GLY A 674 -6.66 -12.87 16.44
C GLY A 674 -6.32 -11.65 17.27
N SER A 675 -5.96 -10.57 16.60
CA SER A 675 -5.60 -9.32 17.24
C SER A 675 -6.10 -8.18 16.36
N PRO A 676 -6.28 -6.99 16.93
CA PRO A 676 -6.65 -5.83 16.10
C PRO A 676 -5.60 -5.60 15.00
N LEU A 677 -6.09 -5.30 13.80
CA LEU A 677 -5.24 -5.13 12.63
C LEU A 677 -5.29 -3.69 12.17
N LEU A 678 -4.14 -3.03 12.15
CA LEU A 678 -4.04 -1.62 11.78
C LEU A 678 -2.98 -1.48 10.69
N THR A 679 -3.41 -1.34 9.44
CA THR A 679 -2.51 -1.07 8.35
C THR A 679 -2.16 0.41 8.25
N ALA A 680 -2.81 1.26 9.06
CA ALA A 680 -2.45 2.66 9.25
C ALA A 680 -2.49 3.44 7.94
N ASP A 681 -3.71 3.52 7.38
CA ASP A 681 -3.99 4.41 6.26
C ASP A 681 -4.24 5.80 6.85
N THR A 682 -3.13 6.48 7.21
CA THR A 682 -3.23 7.73 7.94
C THR A 682 -3.69 8.90 7.07
N ILE A 683 -3.35 8.89 5.78
CA ILE A 683 -3.79 9.96 4.90
C ILE A 683 -5.31 9.97 4.75
N SER A 684 -5.91 8.79 4.57
CA SER A 684 -7.35 8.70 4.45
C SER A 684 -8.06 9.02 5.76
N ALA A 685 -7.37 8.90 6.90
CA ALA A 685 -7.99 9.22 8.18
C ALA A 685 -8.33 10.70 8.29
N LEU A 686 -7.44 11.56 7.76
CA LEU A 686 -7.67 13.00 7.82
C LEU A 686 -8.86 13.44 6.97
N THR A 687 -9.28 12.63 6.01
CA THR A 687 -10.35 12.97 5.08
C THR A 687 -11.70 12.38 5.48
N GLU A 688 -11.74 11.09 5.77
CA GLU A 688 -13.01 10.44 6.10
C GLU A 688 -13.53 10.95 7.44
N PRO A 689 -14.85 11.05 7.59
CA PRO A 689 -15.42 11.45 8.89
C PRO A 689 -15.22 10.37 9.93
N GLY A 690 -15.14 10.81 11.19
CA GLY A 690 -14.93 9.89 12.29
C GLY A 690 -13.90 10.39 13.27
N ASN A 691 -12.92 11.15 12.77
CA ASN A 691 -11.88 11.76 13.59
C ASN A 691 -11.09 10.71 14.37
N ARG A 692 -10.39 9.86 13.61
CA ARG A 692 -9.49 8.87 14.18
C ARG A 692 -8.08 9.16 13.70
N ALA A 693 -7.12 9.13 14.62
CA ALA A 693 -5.74 9.44 14.26
C ALA A 693 -5.19 8.45 13.25
N ALA A 694 -5.43 7.17 13.46
CA ALA A 694 -5.00 6.11 12.56
C ALA A 694 -6.16 5.18 12.27
N ILE A 695 -6.45 4.96 10.99
CA ILE A 695 -7.50 4.03 10.59
C ILE A 695 -6.87 2.90 9.80
N ALA A 696 -7.69 1.94 9.37
CA ALA A 696 -7.21 0.77 8.66
C ALA A 696 -7.30 0.99 7.16
N TYR A 697 -6.36 0.40 6.43
CA TYR A 697 -6.36 0.51 4.97
C TYR A 697 -7.52 -0.28 4.39
N LYS A 698 -8.24 0.34 3.46
CA LYS A 698 -9.33 -0.31 2.74
C LYS A 698 -9.18 -0.02 1.26
N LYS A 699 -9.54 -1.01 0.45
CA LYS A 699 -9.41 -0.88 -1.00
C LYS A 699 -10.64 -0.17 -1.57
N ARG A 700 -10.67 -0.08 -2.90
CA ARG A 700 -11.80 0.52 -3.63
C ARG A 700 -12.06 -0.38 -4.84
N VAL A 701 -12.95 -1.35 -4.64
CA VAL A 701 -13.18 -2.40 -5.63
C VAL A 701 -14.33 -1.99 -6.54
N TYR A 702 -14.06 -1.98 -7.85
CA TYR A 702 -15.10 -1.71 -8.83
C TYR A 702 -15.90 -2.99 -9.10
N ASN A 703 -17.21 -2.82 -9.29
CA ASN A 703 -18.12 -3.92 -9.60
C ASN A 703 -18.60 -3.78 -11.04
N ASP A 704 -18.37 -4.80 -11.85
CA ASP A 704 -18.77 -4.74 -13.25
C ASP A 704 -20.27 -4.91 -13.41
N GLY A 705 -20.87 -5.83 -12.65
CA GLY A 705 -22.29 -6.11 -12.83
C GLY A 705 -23.17 -4.93 -12.47
N ASN A 706 -22.91 -4.30 -11.32
CA ASN A 706 -23.70 -3.17 -10.85
C ASN A 706 -23.11 -1.83 -11.26
N ASN A 707 -21.99 -1.82 -11.97
CA ASN A 707 -21.28 -0.60 -12.36
C ASN A 707 -20.82 0.21 -11.16
N ALA A 708 -20.00 1.23 -11.40
CA ALA A 708 -19.47 2.10 -10.36
C ALA A 708 -18.72 1.33 -9.28
N ILE A 709 -18.38 2.00 -8.19
CA ILE A 709 -17.63 1.39 -7.10
C ILE A 709 -18.62 0.89 -6.05
N GLU A 710 -18.33 -0.29 -5.50
CA GLU A 710 -19.19 -0.83 -4.46
C GLU A 710 -19.18 0.08 -3.25
N PRO A 711 -20.35 0.36 -2.65
CA PRO A 711 -20.39 1.34 -1.55
C PRO A 711 -19.56 0.96 -0.35
N GLU A 712 -19.43 -0.34 -0.03
CA GLU A 712 -18.63 -0.76 1.11
C GLU A 712 -17.22 -1.08 0.63
N PRO A 713 -16.21 -0.32 1.04
CA PRO A 713 -14.83 -0.67 0.68
C PRO A 713 -14.38 -1.94 1.38
N ARG A 714 -13.44 -2.65 0.76
CA ARG A 714 -12.91 -3.88 1.30
C ARG A 714 -11.60 -3.61 2.03
N PHE A 715 -11.53 -4.02 3.29
CA PHE A 715 -10.31 -3.90 4.06
C PHE A 715 -9.33 -5.00 3.66
N ALA A 716 -8.05 -4.65 3.56
CA ALA A 716 -7.07 -5.60 3.10
C ALA A 716 -5.69 -5.16 3.55
N VAL A 717 -4.85 -6.13 3.90
CA VAL A 717 -3.42 -5.88 4.06
C VAL A 717 -2.80 -5.78 2.68
N LYS A 718 -2.03 -4.71 2.46
CA LYS A 718 -1.56 -4.39 1.12
C LYS A 718 -0.66 -5.51 0.58
N SER A 719 -0.73 -5.70 -0.73
CA SER A 719 0.11 -6.71 -1.37
C SER A 719 1.59 -6.39 -1.20
N GLU A 720 1.93 -5.10 -1.25
CA GLU A 720 3.31 -4.69 -0.98
C GLU A 720 3.71 -5.02 0.45
N THR A 721 2.80 -4.78 1.40
CA THR A 721 3.04 -5.24 2.77
C THR A 721 3.10 -6.76 2.81
N HIS A 722 2.23 -7.43 2.07
CA HIS A 722 2.29 -8.88 1.95
C HIS A 722 3.59 -9.32 1.28
N ARG A 723 4.02 -8.58 0.25
CA ARG A 723 5.25 -8.95 -0.44
C ARG A 723 6.48 -8.71 0.44
N GLY A 724 6.52 -7.58 1.15
CA GLY A 724 7.70 -7.25 1.93
C GLY A 724 7.88 -8.09 3.17
N ILE A 725 6.79 -8.63 3.71
CA ILE A 725 6.90 -9.47 4.90
C ILE A 725 7.55 -10.80 4.56
N PHE A 726 7.19 -11.38 3.41
CA PHE A 726 7.86 -12.60 2.97
C PHE A 726 9.31 -12.33 2.56
N ARG A 727 9.55 -11.18 1.93
CA ARG A 727 10.92 -10.79 1.58
C ARG A 727 11.77 -10.61 2.84
N THR A 728 11.20 -10.00 3.88
CA THR A 728 11.90 -9.91 5.16
C THR A 728 12.04 -11.28 5.81
N ALA A 729 11.03 -12.14 5.66
CA ALA A 729 11.07 -13.45 6.28
C ALA A 729 12.23 -14.29 5.74
N VAL A 730 12.46 -14.25 4.42
CA VAL A 730 13.54 -15.03 3.86
C VAL A 730 14.89 -14.37 4.10
N GLY A 731 14.92 -13.03 4.22
CA GLY A 731 16.17 -12.35 4.45
C GLY A 731 16.77 -12.66 5.81
N ARG A 732 15.92 -12.74 6.84
CA ARG A 732 16.42 -13.07 8.17
C ARG A 732 16.77 -14.54 8.31
N ARG A 733 16.05 -15.42 7.62
CA ARG A 733 16.36 -16.84 7.69
C ARG A 733 17.66 -17.17 6.98
N THR A 734 17.95 -16.49 5.88
CA THR A 734 19.11 -16.81 5.05
C THR A 734 20.26 -15.82 5.19
N GLY A 735 20.04 -14.68 5.85
CA GLY A 735 21.10 -13.71 6.01
C GLY A 735 21.32 -12.79 4.84
N ASP A 736 20.45 -12.84 3.82
CA ASP A 736 20.59 -11.93 2.69
C ASP A 736 20.29 -10.48 3.09
N LEU A 737 19.32 -10.30 3.99
CA LEU A 737 19.09 -8.97 4.55
C LEU A 737 20.27 -8.56 5.42
N GLY A 738 20.50 -7.26 5.51
CA GLY A 738 21.64 -6.73 6.21
C GLY A 738 22.92 -6.69 5.40
N LYS A 739 22.87 -7.08 4.12
CA LYS A 739 24.02 -6.95 3.25
C LYS A 739 24.33 -5.47 3.00
N GLU A 740 25.59 -5.20 2.65
CA GLU A 740 26.00 -3.82 2.43
C GLU A 740 25.22 -3.18 1.28
N ASP A 741 25.04 -3.90 0.18
CA ASP A 741 24.27 -3.40 -0.95
C ASP A 741 23.94 -4.57 -1.86
N HIS A 742 22.67 -4.68 -2.27
CA HIS A 742 22.26 -5.73 -3.19
C HIS A 742 22.53 -5.26 -4.62
N GLU A 743 23.78 -5.48 -5.04
CA GLU A 743 24.23 -5.25 -6.40
C GLU A 743 23.74 -6.38 -7.29
N ASP A 744 24.37 -6.58 -8.45
CA ASP A 744 23.95 -7.64 -9.35
C ASP A 744 24.27 -8.96 -8.64
N CYS A 745 23.34 -9.36 -7.78
CA CYS A 745 23.53 -10.38 -6.77
C CYS A 745 22.72 -11.62 -7.09
N THR A 746 23.28 -12.78 -6.73
CA THR A 746 22.64 -14.06 -6.98
C THR A 746 22.33 -14.80 -5.67
N CYS A 747 22.07 -14.05 -4.60
CA CYS A 747 21.73 -14.69 -3.34
C CYS A 747 20.30 -15.24 -3.41
N ASP A 748 19.91 -15.95 -2.36
CA ASP A 748 18.60 -16.59 -2.35
C ASP A 748 17.46 -15.57 -2.41
N MET A 749 17.60 -14.47 -1.67
CA MET A 749 16.53 -13.48 -1.63
C MET A 749 16.46 -12.68 -2.93
N CYS A 750 17.61 -12.30 -3.48
CA CYS A 750 17.62 -11.61 -4.77
C CYS A 750 17.06 -12.50 -5.87
N ILE A 751 17.41 -13.79 -5.86
CA ILE A 751 16.90 -14.70 -6.88
C ILE A 751 15.39 -14.85 -6.76
N ILE A 752 14.91 -15.06 -5.53
CA ILE A 752 13.48 -15.30 -5.32
C ILE A 752 12.67 -14.05 -5.57
N PHE A 753 13.12 -12.91 -5.02
CA PHE A 753 12.32 -11.69 -4.99
C PHE A 753 12.79 -10.63 -5.96
N GLY A 754 13.75 -10.93 -6.83
CA GLY A 754 14.21 -9.96 -7.80
C GLY A 754 15.00 -8.82 -7.20
N ASN A 755 15.78 -8.13 -8.03
CA ASN A 755 16.62 -7.04 -7.59
C ASN A 755 16.73 -6.03 -8.73
N GLU A 756 17.75 -5.18 -8.67
CA GLU A 756 17.94 -4.14 -9.68
C GLU A 756 17.99 -4.73 -11.09
N HIS A 757 18.60 -5.90 -11.25
CA HIS A 757 18.92 -6.44 -12.56
C HIS A 757 18.15 -7.72 -12.87
N GLU A 758 16.96 -7.88 -12.30
CA GLU A 758 16.09 -9.00 -12.62
C GLU A 758 14.71 -8.71 -12.04
N SER A 759 13.78 -9.62 -12.32
CA SER A 759 12.41 -9.52 -11.84
C SER A 759 12.16 -10.57 -10.77
N SER A 760 11.23 -10.25 -9.86
CA SER A 760 10.83 -11.21 -8.84
C SER A 760 10.20 -12.44 -9.50
N LYS A 761 10.62 -13.61 -9.07
CA LYS A 761 10.01 -14.86 -9.50
C LYS A 761 8.79 -15.23 -8.66
N ILE A 762 8.47 -14.43 -7.65
CA ILE A 762 7.29 -14.62 -6.83
C ILE A 762 6.58 -13.27 -6.72
N ARG A 763 5.27 -13.26 -6.96
CA ARG A 763 4.48 -12.05 -6.93
C ARG A 763 3.26 -12.24 -6.05
N PHE A 764 2.97 -11.24 -5.23
CA PHE A 764 1.97 -11.34 -4.17
C PHE A 764 0.74 -10.49 -4.50
N GLU A 765 -0.39 -10.90 -3.95
CA GLU A 765 -1.65 -10.18 -4.10
C GLU A 765 -2.12 -9.67 -2.75
N ASP A 766 -3.15 -8.84 -2.78
CA ASP A 766 -3.66 -8.22 -1.56
C ASP A 766 -4.22 -9.28 -0.62
N LEU A 767 -4.16 -8.99 0.68
CA LEU A 767 -4.71 -9.87 1.70
C LEU A 767 -6.09 -9.34 2.09
N GLU A 768 -7.06 -9.59 1.22
CA GLU A 768 -8.42 -9.12 1.48
C GLU A 768 -9.01 -9.81 2.70
N LEU A 769 -9.71 -9.03 3.52
CA LEU A 769 -10.39 -9.56 4.69
C LEU A 769 -11.71 -10.18 4.24
N ILE A 770 -11.77 -11.51 4.26
CA ILE A 770 -13.00 -12.20 3.91
C ILE A 770 -13.92 -12.38 5.11
N ASN A 771 -13.40 -12.25 6.33
CA ASN A 771 -14.21 -12.35 7.55
C ASN A 771 -14.70 -10.97 8.00
N GLY A 772 -15.37 -10.26 7.09
CA GLY A 772 -15.80 -8.92 7.39
C GLY A 772 -17.25 -8.80 7.79
N ASN A 773 -18.07 -9.74 7.36
CA ASN A 773 -19.51 -9.71 7.61
C ASN A 773 -19.92 -10.46 8.88
N GLU A 774 -18.97 -11.05 9.60
CA GLU A 774 -19.26 -11.76 10.84
C GLU A 774 -18.93 -10.94 12.08
N PHE A 775 -18.69 -9.64 11.92
CA PHE A 775 -18.34 -8.75 13.03
C PHE A 775 -19.46 -7.75 13.24
N GLU A 776 -19.92 -7.61 14.48
CA GLU A 776 -20.93 -6.60 14.79
C GLU A 776 -20.39 -5.19 14.53
N LYS A 777 -19.16 -4.93 14.94
CA LYS A 777 -18.45 -3.69 14.64
C LYS A 777 -17.09 -4.09 14.09
N LEU A 778 -16.93 -4.01 12.77
CA LEU A 778 -15.74 -4.56 12.12
C LEU A 778 -14.48 -3.87 12.61
N GLU A 779 -14.52 -2.55 12.76
CA GLU A 779 -13.40 -1.82 13.32
C GLU A 779 -13.60 -1.61 14.82
N LYS A 780 -12.51 -1.29 15.51
CA LYS A 780 -12.56 -1.07 16.95
C LYS A 780 -11.76 0.18 17.29
N HIS A 781 -12.32 1.02 18.16
CA HIS A 781 -11.67 2.26 18.58
C HIS A 781 -10.89 1.97 19.86
N ILE A 782 -9.56 2.03 19.76
CA ILE A 782 -8.68 1.78 20.89
C ILE A 782 -7.90 3.05 21.17
N ASP A 783 -8.05 3.57 22.39
CA ASP A 783 -7.33 4.76 22.81
C ASP A 783 -5.97 4.37 23.40
N HIS A 784 -4.96 5.18 23.09
CA HIS A 784 -3.63 5.01 23.63
C HIS A 784 -3.09 6.34 24.12
N VAL A 785 -2.24 6.29 25.13
CA VAL A 785 -1.56 7.50 25.62
C VAL A 785 -0.26 7.08 26.28
N ALA A 786 0.79 7.88 26.07
CA ALA A 786 2.08 7.63 26.70
C ALA A 786 2.09 8.28 28.07
N ILE A 787 2.38 7.48 29.09
CA ILE A 787 2.33 7.94 30.48
C ILE A 787 3.71 8.45 30.88
N ASP A 788 3.73 9.66 31.45
CA ASP A 788 4.98 10.24 31.90
C ASP A 788 5.64 9.36 32.96
N ARG A 789 6.95 9.13 32.81
CA ARG A 789 7.67 8.31 33.78
C ARG A 789 7.76 8.99 35.14
N PHE A 790 7.83 10.33 35.16
CA PHE A 790 8.00 11.04 36.41
C PHE A 790 6.67 11.17 37.16
N THR A 791 5.65 11.72 36.51
CA THR A 791 4.40 12.02 37.17
C THR A 791 3.38 10.89 37.08
N GLY A 792 3.69 9.81 36.38
CA GLY A 792 2.75 8.71 36.28
C GLY A 792 1.43 9.07 35.65
N GLY A 793 1.40 10.13 34.86
CA GLY A 793 0.18 10.56 34.19
C GLY A 793 0.44 10.79 32.70
N ALA A 794 -0.65 11.13 32.01
CA ALA A 794 -0.57 11.36 30.57
C ALA A 794 0.38 12.51 30.26
N LEU A 795 1.06 12.40 29.12
CA LEU A 795 2.06 13.38 28.73
C LEU A 795 1.38 14.63 28.16
N ASP A 796 2.22 15.64 27.86
CA ASP A 796 1.69 16.90 27.35
C ASP A 796 0.97 16.72 26.03
N LYS A 797 1.62 16.08 25.06
CA LYS A 797 0.98 15.72 23.79
C LYS A 797 1.40 14.29 23.45
N ALA A 798 0.66 13.31 23.98
CA ALA A 798 0.92 11.92 23.67
C ALA A 798 -0.33 11.07 23.55
N LYS A 799 -1.53 11.64 23.64
CA LYS A 799 -2.75 10.86 23.55
C LYS A 799 -3.11 10.64 22.09
N PHE A 800 -3.24 9.39 21.69
CA PHE A 800 -3.56 9.05 20.31
C PHE A 800 -4.49 7.83 20.29
N ASP A 801 -5.47 7.87 19.40
CA ASP A 801 -6.45 6.81 19.27
C ASP A 801 -6.31 6.15 17.90
N THR A 802 -6.18 4.84 17.89
CA THR A 802 -6.13 4.07 16.65
C THR A 802 -7.49 3.46 16.38
N TYR A 803 -7.74 3.16 15.11
CA TYR A 803 -9.01 2.55 14.67
C TYR A 803 -8.72 1.31 13.84
N PRO A 804 -8.13 0.27 14.45
CA PRO A 804 -7.82 -0.93 13.70
C PRO A 804 -9.04 -1.78 13.42
N LEU A 805 -8.85 -2.94 12.81
CA LEU A 805 -9.92 -3.91 12.70
C LEU A 805 -10.17 -4.53 14.08
N ALA A 806 -11.30 -5.21 14.20
CA ALA A 806 -11.56 -6.02 15.38
C ALA A 806 -10.79 -7.33 15.24
N GLY A 807 -11.07 -8.28 16.11
CA GLY A 807 -10.35 -9.55 16.05
C GLY A 807 -9.84 -10.01 17.40
N SER A 808 -10.01 -11.29 17.68
CA SER A 808 -9.67 -11.86 18.98
C SER A 808 -9.53 -13.36 18.82
N PRO A 809 -9.01 -14.05 19.82
CA PRO A 809 -8.96 -15.52 19.74
C PRO A 809 -10.32 -16.15 19.50
N LYS A 810 -11.37 -15.58 20.09
CA LYS A 810 -12.72 -16.13 19.89
C LYS A 810 -13.35 -15.70 18.58
N LYS A 811 -12.79 -14.68 17.92
CA LYS A 811 -13.32 -14.23 16.63
C LYS A 811 -12.19 -13.54 15.87
N PRO A 812 -11.41 -14.31 15.10
CA PRO A 812 -10.28 -13.74 14.37
C PRO A 812 -10.68 -13.23 12.99
N LEU A 813 -9.73 -12.58 12.34
CA LEU A 813 -9.89 -12.07 10.98
C LEU A 813 -9.25 -13.06 10.01
N LYS A 814 -9.98 -13.39 8.95
CA LYS A 814 -9.46 -14.26 7.90
C LYS A 814 -9.05 -13.40 6.70
N LEU A 815 -7.78 -13.50 6.31
CA LEU A 815 -7.20 -12.68 5.25
C LEU A 815 -6.77 -13.60 4.13
N LYS A 816 -7.65 -13.83 3.16
CA LYS A 816 -7.37 -14.77 2.08
C LYS A 816 -6.55 -14.08 1.00
N GLY A 817 -5.23 -14.08 1.19
CA GLY A 817 -4.31 -13.61 0.19
C GLY A 817 -3.74 -14.75 -0.63
N ARG A 818 -2.80 -14.40 -1.50
CA ARG A 818 -2.17 -15.40 -2.36
C ARG A 818 -0.91 -14.82 -2.96
N PHE A 819 -0.06 -15.70 -3.48
CA PHE A 819 1.09 -15.31 -4.25
C PHE A 819 1.34 -16.33 -5.35
N TRP A 820 2.02 -15.90 -6.41
CA TRP A 820 2.25 -16.72 -7.59
C TRP A 820 3.72 -17.13 -7.64
N ILE A 821 3.96 -18.41 -7.86
CA ILE A 821 5.29 -18.98 -7.90
C ILE A 821 5.64 -19.31 -9.35
N LYS A 822 6.79 -18.83 -9.80
CA LYS A 822 7.23 -19.13 -11.17
C LYS A 822 7.79 -20.54 -11.24
N LYS A 823 7.98 -21.01 -12.48
CA LYS A 823 8.48 -22.35 -12.72
C LYS A 823 9.99 -22.40 -12.78
N GLY A 824 10.66 -21.83 -11.78
CA GLY A 824 12.11 -21.82 -11.76
C GLY A 824 12.71 -22.01 -10.38
N PHE A 825 11.87 -22.32 -9.39
CA PHE A 825 12.34 -22.55 -8.03
C PHE A 825 12.76 -24.00 -7.87
N SER A 826 14.00 -24.20 -7.43
CA SER A 826 14.48 -25.53 -7.07
C SER A 826 13.83 -25.97 -5.76
N GLY A 827 14.18 -27.18 -5.32
CA GLY A 827 13.67 -27.66 -4.05
C GLY A 827 14.10 -26.80 -2.88
N ASP A 828 15.32 -26.24 -2.94
CA ASP A 828 15.81 -25.42 -1.84
C ASP A 828 15.05 -24.11 -1.74
N HIS A 829 14.74 -23.48 -2.88
CA HIS A 829 14.05 -22.19 -2.85
C HIS A 829 12.58 -22.35 -2.45
N LYS A 830 11.93 -23.42 -2.92
CA LYS A 830 10.56 -23.67 -2.51
C LYS A 830 10.48 -23.96 -1.01
N LEU A 831 11.44 -24.74 -0.49
CA LEU A 831 11.52 -24.96 0.94
C LEU A 831 11.90 -23.69 1.68
N LEU A 832 12.61 -22.78 1.00
CA LEU A 832 13.00 -21.51 1.59
C LEU A 832 11.82 -20.55 1.71
N ILE A 833 10.82 -20.69 0.84
CA ILE A 833 9.59 -19.92 0.96
C ILE A 833 8.60 -20.62 1.88
N THR A 834 8.54 -21.95 1.83
CA THR A 834 7.70 -22.70 2.76
C THR A 834 8.01 -22.35 4.20
N THR A 835 9.30 -22.20 4.52
CA THR A 835 9.68 -21.77 5.86
C THR A 835 9.27 -20.33 6.13
N ALA A 836 9.33 -19.46 5.12
CA ALA A 836 8.93 -18.07 5.31
C ALA A 836 7.45 -17.97 5.68
N LEU A 837 6.61 -18.72 4.96
CA LEU A 837 5.18 -18.75 5.31
C LEU A 837 4.97 -19.46 6.63
N SER A 838 5.79 -20.44 6.96
CA SER A 838 5.68 -21.12 8.25
C SER A 838 5.99 -20.16 9.39
N ASP A 839 6.98 -19.29 9.22
CA ASP A 839 7.27 -18.27 10.23
C ASP A 839 6.10 -17.31 10.40
N ILE A 840 5.36 -17.04 9.32
CA ILE A 840 4.16 -16.22 9.44
C ILE A 840 3.12 -16.95 10.30
N ARG A 841 2.98 -18.26 10.10
CA ARG A 841 2.05 -19.05 10.89
C ARG A 841 2.44 -19.03 12.36
N ASP A 842 3.73 -19.16 12.66
CA ASP A 842 4.19 -19.14 14.04
C ASP A 842 4.06 -17.77 14.70
N GLY A 843 3.85 -16.71 13.92
CA GLY A 843 3.65 -15.39 14.46
C GLY A 843 4.88 -14.52 14.60
N LEU A 844 5.99 -14.89 13.95
CA LEU A 844 7.20 -14.09 14.05
C LEU A 844 7.03 -12.70 13.45
N TYR A 845 6.20 -12.58 12.42
CA TYR A 845 6.01 -11.32 11.69
C TYR A 845 4.55 -10.90 11.79
N PRO A 846 4.23 -10.03 12.74
CA PRO A 846 2.85 -9.53 12.84
C PRO A 846 2.50 -8.63 11.66
N LEU A 847 1.21 -8.52 11.41
CA LEU A 847 0.70 -7.78 10.27
C LEU A 847 0.36 -6.34 10.66
N GLY A 848 0.68 -5.40 9.78
CA GLY A 848 0.36 -4.01 10.04
C GLY A 848 1.30 -3.36 11.05
N SER A 849 0.80 -2.28 11.65
CA SER A 849 1.56 -1.50 12.62
C SER A 849 1.25 -1.96 14.04
N LYS A 850 1.98 -1.38 14.99
CA LYS A 850 1.79 -1.66 16.42
C LYS A 850 1.95 -3.15 16.73
N GLY A 851 2.93 -3.79 16.07
CA GLY A 851 3.15 -5.21 16.30
C GLY A 851 3.59 -5.50 17.72
N GLY A 852 4.47 -4.66 18.27
CA GLY A 852 4.87 -4.82 19.66
C GLY A 852 3.74 -4.60 20.63
N VAL A 853 2.82 -3.70 20.29
CA VAL A 853 1.63 -3.47 21.12
C VAL A 853 0.69 -4.68 21.08
N GLY A 854 0.81 -5.51 20.05
CA GLY A 854 -0.03 -6.69 19.95
C GLY A 854 -1.05 -6.61 18.85
N TYR A 855 -0.75 -5.82 17.82
CA TYR A 855 -1.63 -5.65 16.67
C TYR A 855 -1.18 -6.58 15.55
N GLY A 856 -2.15 -7.21 14.90
CA GLY A 856 -1.85 -8.04 13.74
C GLY A 856 -1.11 -9.31 14.03
N TRP A 857 -1.20 -9.83 15.25
CA TRP A 857 -0.51 -11.07 15.59
C TRP A 857 -1.20 -12.26 14.93
N VAL A 858 -0.47 -12.98 14.08
CA VAL A 858 -1.05 -14.08 13.33
C VAL A 858 -1.27 -15.27 14.25
N ALA A 859 -2.49 -15.81 14.24
CA ALA A 859 -2.86 -16.96 15.06
C ALA A 859 -2.76 -18.28 14.33
N GLY A 860 -2.41 -18.28 13.06
CA GLY A 860 -2.31 -19.50 12.29
C GLY A 860 -2.64 -19.25 10.82
N ILE A 861 -2.24 -20.21 9.99
CA ILE A 861 -2.46 -20.14 8.54
C ILE A 861 -3.01 -21.47 8.08
N SER A 862 -4.07 -21.43 7.27
CA SER A 862 -4.62 -22.62 6.62
C SER A 862 -4.42 -22.48 5.12
N ILE A 863 -3.81 -23.49 4.51
CA ILE A 863 -3.46 -23.47 3.10
C ILE A 863 -4.63 -24.01 2.30
N ASP A 864 -4.88 -23.40 1.14
CA ASP A 864 -5.99 -23.79 0.29
C ASP A 864 -5.74 -25.17 -0.34
N ASP A 865 -6.83 -25.84 -0.68
CA ASP A 865 -6.72 -27.16 -1.30
C ASP A 865 -6.11 -27.07 -2.70
N ASN A 866 -6.42 -26.01 -3.45
CA ASN A 866 -5.92 -25.86 -4.81
C ASN A 866 -4.41 -25.65 -4.87
N VAL A 867 -3.76 -25.36 -3.75
CA VAL A 867 -2.31 -25.21 -3.68
C VAL A 867 -1.67 -26.53 -4.08
N PRO A 868 -0.63 -26.52 -4.92
CA PRO A 868 -0.01 -27.79 -5.36
C PRO A 868 0.56 -28.56 -4.18
N ASP A 869 0.55 -29.89 -4.29
CA ASP A 869 1.03 -30.75 -3.21
C ASP A 869 2.50 -30.50 -2.92
N ASP A 870 3.24 -29.98 -3.90
CA ASP A 870 4.67 -29.71 -3.72
C ASP A 870 4.90 -28.65 -2.64
N PHE A 871 3.88 -27.88 -2.32
CA PHE A 871 4.00 -26.82 -1.31
C PHE A 871 3.17 -27.10 -0.06
N LYS A 872 1.91 -27.50 -0.23
CA LYS A 872 1.02 -27.66 0.92
C LYS A 872 1.45 -28.82 1.80
N GLU A 873 1.93 -29.92 1.19
CA GLU A 873 2.37 -31.06 1.98
C GLU A 873 3.62 -30.77 2.79
N MET A 874 4.47 -29.85 2.31
CA MET A 874 5.69 -29.53 3.02
C MET A 874 5.41 -28.81 4.33
N ILE A 875 4.40 -27.96 4.37
CA ILE A 875 4.03 -27.25 5.59
C ILE A 875 3.49 -28.22 6.63
N ILE A 894 6.99 -22.48 36.00
CA ILE A 894 8.07 -21.52 36.15
C ILE A 894 7.69 -20.48 37.19
N ASN A 895 8.04 -20.73 38.44
CA ASN A 895 7.70 -19.86 39.55
C ASN A 895 8.97 -19.28 40.16
N ASN A 896 8.96 -17.97 40.39
CA ASN A 896 10.07 -17.28 41.06
C ASN A 896 9.91 -17.40 42.57
N ASP A 897 10.96 -17.85 43.24
CA ASP A 897 10.92 -18.07 44.68
C ASP A 897 11.40 -16.87 45.48
N TYR A 898 11.71 -15.76 44.83
CA TYR A 898 12.17 -14.57 45.54
C TYR A 898 11.05 -14.01 46.41
N VAL A 899 11.42 -13.56 47.61
CA VAL A 899 10.49 -12.99 48.57
C VAL A 899 11.05 -11.67 49.08
N HIS A 900 10.22 -10.62 49.05
CA HIS A 900 10.69 -9.34 49.56
C HIS A 900 10.23 -9.12 51.00
N PRO A 901 11.11 -8.62 51.87
CA PRO A 901 10.77 -8.50 53.29
C PRO A 901 9.67 -7.49 53.60
N GLY A 902 9.84 -6.24 53.16
CA GLY A 902 8.97 -5.17 53.61
C GLY A 902 9.37 -4.66 54.99
N HIS A 903 9.25 -3.36 55.23
CA HIS A 903 9.80 -2.76 56.44
C HIS A 903 8.74 -2.18 57.37
N GLN A 904 7.89 -1.28 56.88
CA GLN A 904 7.01 -0.51 57.77
C GLN A 904 5.62 -1.09 57.91
N SER A 905 5.06 -1.68 56.86
CA SER A 905 3.73 -2.26 56.95
C SER A 905 3.64 -3.40 57.97
N PRO A 906 4.56 -4.36 58.03
CA PRO A 906 4.40 -5.46 59.00
C PRO A 906 4.34 -5.00 60.45
N LYS A 907 5.09 -3.98 60.83
CA LYS A 907 5.08 -3.49 62.21
C LYS A 907 4.05 -2.36 62.40
N GLN A 908 2.82 -2.63 61.97
CA GLN A 908 1.74 -1.66 62.12
C GLN A 908 0.43 -2.32 62.57
N ASP A 909 0.49 -3.55 63.08
CA ASP A 909 -0.70 -4.25 63.53
C ASP A 909 -0.36 -5.28 64.60
N ASN A 914 -1.01 3.98 60.93
CA ASN A 914 -0.10 4.42 59.88
C ASN A 914 -0.82 4.59 58.55
N ILE A 915 -0.61 5.72 57.90
CA ILE A 915 -1.19 6.02 56.60
C ILE A 915 -0.06 6.34 55.63
N TYR A 916 -0.06 5.69 54.48
CA TYR A 916 1.03 5.81 53.52
C TYR A 916 0.55 6.54 52.28
N TYR A 917 1.47 7.29 51.66
CA TYR A 917 1.12 8.06 50.48
C TYR A 917 0.88 7.14 49.31
N PRO A 918 -0.14 7.42 48.47
CA PRO A 918 -0.51 6.46 47.42
C PRO A 918 0.57 6.17 46.40
N HIS A 919 1.50 7.09 46.18
CA HIS A 919 2.56 6.88 45.21
C HIS A 919 3.88 7.38 45.76
N TYR A 920 4.98 6.80 45.26
CA TYR A 920 6.32 7.18 45.68
C TYR A 920 7.20 7.18 44.44
N PHE A 921 8.37 7.78 44.58
CA PHE A 921 9.28 7.99 43.46
C PHE A 921 10.56 7.18 43.64
N LEU A 922 11.03 6.62 42.53
CA LEU A 922 12.17 5.70 42.52
C LEU A 922 13.41 6.49 42.08
N ASP A 923 14.14 7.00 43.07
CA ASP A 923 15.35 7.79 42.80
C ASP A 923 16.55 6.85 42.68
N SER A 924 16.71 6.30 41.47
CA SER A 924 17.79 5.36 41.19
C SER A 924 19.08 6.04 40.73
N GLY A 925 19.06 7.35 40.55
CA GLY A 925 20.24 8.07 40.12
C GLY A 925 20.25 8.30 38.62
N SER A 926 21.25 9.07 38.18
CA SER A 926 21.40 9.45 36.78
C SER A 926 22.37 8.54 36.03
N LYS A 927 22.87 7.48 36.67
CA LYS A 927 23.81 6.57 36.03
C LYS A 927 23.04 5.71 35.02
N VAL A 928 23.28 5.96 33.74
CA VAL A 928 22.60 5.25 32.66
C VAL A 928 23.65 4.68 31.72
N TYR A 929 23.52 3.40 31.38
CA TYR A 929 24.43 2.72 30.48
C TYR A 929 23.76 2.56 29.13
N ARG A 930 24.41 3.04 28.08
CA ARG A 930 23.85 3.06 26.72
C ARG A 930 24.55 2.02 25.87
N GLU A 931 23.78 1.20 25.17
CA GLU A 931 24.30 0.17 24.27
C GLU A 931 24.44 0.77 22.88
N LYS A 932 25.63 1.27 22.57
CA LYS A 932 25.88 1.83 21.25
C LYS A 932 25.98 0.74 20.18
N ASP A 933 26.31 -0.49 20.57
CA ASP A 933 26.34 -1.62 19.63
C ASP A 933 24.92 -2.16 19.52
N ILE A 934 24.11 -1.45 18.73
CA ILE A 934 22.70 -1.79 18.61
C ILE A 934 22.52 -3.18 18.04
N ILE A 935 21.62 -3.95 18.65
CA ILE A 935 21.28 -5.28 18.16
C ILE A 935 20.32 -5.14 16.99
N THR A 936 20.74 -5.64 15.83
CA THR A 936 19.97 -5.45 14.61
C THR A 936 18.86 -6.47 14.49
N HIS A 937 17.74 -6.03 13.91
CA HIS A 937 16.63 -6.91 13.58
C HIS A 937 16.84 -7.71 12.30
N GLU A 938 18.09 -7.80 11.85
CA GLU A 938 18.44 -8.58 10.66
C GLU A 938 18.48 -10.06 11.01
N GLU A 939 19.09 -10.86 10.15
CA GLU A 939 19.21 -12.31 10.34
C GLU A 939 19.48 -12.66 11.80
N PHE A 940 18.70 -13.60 12.32
CA PHE A 940 18.78 -13.98 13.73
C PHE A 940 20.19 -14.41 14.08
N THR A 941 20.70 -13.90 15.20
CA THR A 941 22.03 -14.25 15.66
C THR A 941 21.98 -15.53 16.48
N GLU A 942 22.94 -16.43 16.23
CA GLU A 942 22.95 -17.72 16.89
C GLU A 942 23.14 -17.57 18.40
N GLU A 943 24.07 -16.71 18.81
CA GLU A 943 24.35 -16.55 20.24
C GLU A 943 23.20 -15.87 20.96
N LEU A 944 22.46 -14.99 20.29
CA LEU A 944 21.27 -14.41 20.88
C LEU A 944 20.11 -15.39 20.84
N LEU A 945 19.06 -15.08 21.61
CA LEU A 945 17.97 -16.01 21.85
C LEU A 945 16.64 -15.36 21.49
N SER A 946 15.74 -16.15 20.92
CA SER A 946 14.43 -15.66 20.50
C SER A 946 13.38 -16.73 20.79
N GLY A 947 12.13 -16.31 20.87
CA GLY A 947 11.05 -17.24 21.15
C GLY A 947 9.79 -16.50 21.58
N LYS A 948 9.01 -17.17 22.43
CA LYS A 948 7.79 -16.59 22.98
C LYS A 948 7.67 -16.99 24.45
N ILE A 949 7.01 -16.12 25.21
CA ILE A 949 6.77 -16.35 26.63
C ILE A 949 5.26 -16.37 26.86
N ASN A 950 4.77 -17.44 27.46
CA ASN A 950 3.36 -17.54 27.85
C ASN A 950 3.25 -17.20 29.33
N CYS A 951 2.47 -16.17 29.64
CA CYS A 951 2.39 -15.63 30.98
C CYS A 951 0.94 -15.61 31.45
N LYS A 952 0.71 -16.08 32.67
CA LYS A 952 -0.56 -15.88 33.33
C LYS A 952 -0.62 -14.47 33.93
N LEU A 953 -1.82 -14.04 34.29
CA LEU A 953 -1.98 -12.68 34.81
C LEU A 953 -3.13 -12.71 35.83
N GLU A 954 -2.78 -12.88 37.10
CA GLU A 954 -3.76 -12.91 38.18
C GLU A 954 -3.86 -11.51 38.80
N THR A 955 -5.10 -11.03 38.93
CA THR A 955 -5.35 -9.71 39.51
C THR A 955 -5.54 -9.86 41.01
N LEU A 956 -4.59 -9.32 41.79
CA LEU A 956 -4.70 -9.36 43.23
C LEU A 956 -5.72 -8.37 43.77
N THR A 957 -5.96 -7.29 43.04
CA THR A 957 -6.96 -6.28 43.35
C THR A 957 -7.83 -6.06 42.13
N PRO A 958 -9.01 -5.45 42.30
CA PRO A 958 -9.87 -5.20 41.14
C PRO A 958 -9.17 -4.44 40.04
N LEU A 959 -9.40 -4.89 38.80
CA LEU A 959 -8.72 -4.35 37.63
C LEU A 959 -9.66 -3.41 36.88
N ILE A 960 -9.10 -2.34 36.34
CA ILE A 960 -9.86 -1.32 35.61
C ILE A 960 -9.14 -1.06 34.29
N ILE A 961 -9.61 -1.70 33.22
CA ILE A 961 -9.12 -1.42 31.87
C ILE A 961 -10.31 -0.97 31.04
N PRO A 962 -10.59 0.33 30.98
CA PRO A 962 -11.83 0.79 30.35
C PRO A 962 -11.77 0.72 28.84
N ASP A 963 -12.87 0.26 28.24
CA ASP A 963 -13.06 0.34 26.79
C ASP A 963 -13.55 1.74 26.48
N THR A 964 -12.60 2.66 26.28
CA THR A 964 -12.90 4.07 26.05
C THR A 964 -13.41 4.34 24.65
N SER A 965 -13.73 3.30 23.87
CA SER A 965 -14.35 3.51 22.57
C SER A 965 -15.72 4.16 22.70
N ASP A 966 -16.36 4.02 23.86
CA ASP A 966 -17.65 4.63 24.12
C ASP A 966 -17.61 5.27 25.50
N GLU A 967 -18.06 6.53 25.58
CA GLU A 967 -18.18 7.22 26.85
C GLU A 967 -19.48 6.90 27.57
N ASN A 968 -20.32 6.06 26.99
CA ASN A 968 -21.60 5.65 27.57
C ASN A 968 -21.76 4.14 27.50
N GLY A 969 -20.69 3.41 27.84
CA GLY A 969 -20.74 1.96 27.75
C GLY A 969 -21.70 1.35 28.75
N LEU A 970 -21.77 1.90 29.96
CA LEU A 970 -22.68 1.42 30.98
C LEU A 970 -24.08 2.02 30.86
N LYS A 971 -24.30 2.90 29.89
CA LYS A 971 -25.60 3.54 29.66
C LYS A 971 -26.06 4.32 30.90
N LEU A 972 -25.15 5.15 31.43
CA LEU A 972 -25.44 5.96 32.61
C LEU A 972 -25.35 7.45 32.34
N GLN A 973 -25.15 7.86 31.09
CA GLN A 973 -25.08 9.28 30.78
C GLN A 973 -26.45 9.95 30.81
N GLY A 974 -27.51 9.21 30.54
CA GLY A 974 -28.84 9.81 30.53
C GLY A 974 -29.26 10.31 31.90
N ASN A 975 -29.05 9.49 32.93
CA ASN A 975 -29.42 9.90 34.28
C ASN A 975 -28.51 11.02 34.79
N LYS A 976 -27.21 10.92 34.50
CA LYS A 976 -26.22 11.90 34.95
C LYS A 976 -25.47 12.41 33.71
N PRO A 977 -25.89 13.51 33.12
CA PRO A 977 -25.18 14.05 31.96
C PRO A 977 -23.74 14.42 32.31
N GLY A 978 -22.84 14.16 31.38
CA GLY A 978 -21.43 14.42 31.58
C GLY A 978 -20.68 13.34 32.34
N HIS A 979 -21.36 12.28 32.78
CA HIS A 979 -20.73 11.21 33.53
C HIS A 979 -20.14 10.21 32.54
N LYS A 980 -18.81 10.22 32.41
CA LYS A 980 -18.10 9.37 31.46
C LYS A 980 -18.06 7.94 31.99
N ASN A 981 -19.21 7.28 31.90
CA ASN A 981 -19.28 5.88 32.31
C ASN A 981 -18.61 4.99 31.27
N TYR A 982 -17.78 4.06 31.74
CA TYR A 982 -16.96 3.25 30.88
C TYR A 982 -17.29 1.77 31.03
N LYS A 983 -16.96 1.01 30.00
CA LYS A 983 -17.04 -0.44 30.01
C LYS A 983 -15.63 -1.01 30.00
N PHE A 984 -15.47 -2.20 30.55
CA PHE A 984 -14.16 -2.84 30.55
C PHE A 984 -13.71 -3.14 29.12
N PHE A 985 -12.40 -3.07 28.91
CA PHE A 985 -11.84 -3.29 27.57
C PHE A 985 -12.25 -4.66 27.06
N ASN A 986 -12.76 -4.69 25.83
CA ASN A 986 -13.22 -5.93 25.24
C ASN A 986 -13.26 -5.78 23.73
N ILE A 987 -12.83 -6.81 23.03
CA ILE A 987 -12.91 -6.89 21.57
C ILE A 987 -13.78 -8.08 21.22
N ASN A 988 -14.82 -7.85 20.42
CA ASN A 988 -15.78 -8.86 20.01
C ASN A 988 -16.55 -9.44 21.19
N GLY A 989 -16.65 -8.71 22.29
CA GLY A 989 -17.50 -9.07 23.40
C GLY A 989 -16.79 -9.72 24.58
N GLU A 990 -15.59 -10.26 24.37
CA GLU A 990 -14.83 -10.90 25.44
C GLU A 990 -13.79 -9.94 26.00
N LEU A 991 -13.67 -9.95 27.33
CA LEU A 991 -12.77 -9.05 28.02
C LEU A 991 -11.31 -9.32 27.64
N MET A 992 -10.54 -8.25 27.48
CA MET A 992 -9.16 -8.35 27.04
C MET A 992 -8.38 -7.18 27.64
N ILE A 993 -7.07 -7.36 27.75
CA ILE A 993 -6.15 -6.32 28.18
C ILE A 993 -5.25 -5.98 26.99
N PRO A 994 -5.26 -4.75 26.50
CA PRO A 994 -4.38 -4.40 25.38
C PRO A 994 -2.92 -4.57 25.75
N GLY A 995 -2.13 -5.04 24.78
CA GLY A 995 -0.71 -5.24 25.03
C GLY A 995 0.05 -3.97 25.30
N SER A 996 -0.48 -2.82 24.86
CA SER A 996 0.12 -1.54 25.20
C SER A 996 0.06 -1.30 26.70
N GLU A 997 -1.05 -1.67 27.34
CA GLU A 997 -1.14 -1.60 28.79
C GLU A 997 -0.12 -2.54 29.44
N LEU A 998 -0.01 -3.76 28.91
CA LEU A 998 0.96 -4.71 29.44
C LEU A 998 2.39 -4.26 29.15
N ARG A 999 2.65 -3.84 27.92
CA ARG A 999 3.98 -3.35 27.58
C ARG A 999 4.33 -2.09 28.37
N GLY A 1000 3.32 -1.28 28.72
CA GLY A 1000 3.59 -0.04 29.42
C GLY A 1000 4.16 -0.24 30.81
N MET A 1001 3.55 -1.15 31.59
CA MET A 1001 4.05 -1.33 32.95
C MET A 1001 5.34 -2.14 32.97
N LEU A 1002 5.49 -3.09 32.05
CA LEU A 1002 6.73 -3.86 31.99
C LEU A 1002 7.89 -2.97 31.55
N ARG A 1003 7.68 -2.13 30.55
CA ARG A 1003 8.72 -1.17 30.17
C ARG A 1003 9.02 -0.22 31.31
N THR A 1004 7.99 0.26 32.00
CA THR A 1004 8.21 1.11 33.17
C THR A 1004 8.95 0.35 34.26
N HIS A 1005 8.58 -0.92 34.47
CA HIS A 1005 9.31 -1.74 35.45
C HIS A 1005 10.71 -2.06 34.96
N PHE A 1006 10.85 -2.42 33.68
CA PHE A 1006 12.17 -2.74 33.14
C PHE A 1006 13.08 -1.52 33.14
N GLU A 1007 12.54 -0.35 32.79
CA GLU A 1007 13.33 0.87 32.85
C GLU A 1007 13.77 1.18 34.27
N ALA A 1008 12.86 1.00 35.23
CA ALA A 1008 13.22 1.22 36.63
C ALA A 1008 14.20 0.16 37.13
N LEU A 1009 13.97 -1.09 36.75
CA LEU A 1009 14.86 -2.18 37.19
C LEU A 1009 16.26 -2.02 36.62
N THR A 1010 16.36 -1.68 35.33
CA THR A 1010 17.64 -1.57 34.65
C THR A 1010 18.21 -0.16 34.65
N LYS A 1011 17.54 0.78 35.33
CA LYS A 1011 17.98 2.18 35.40
C LYS A 1011 18.13 2.78 34.00
N SER A 1012 17.06 2.68 33.21
CA SER A 1012 17.03 3.27 31.88
C SER A 1012 16.72 4.76 31.99
N CYS A 1013 16.48 5.41 30.85
CA CYS A 1013 16.13 6.82 30.87
C CYS A 1013 14.62 6.98 30.98
N PHE A 1014 14.20 8.20 31.32
CA PHE A 1014 12.78 8.51 31.33
C PHE A 1014 12.30 8.66 29.89
N ALA A 1015 11.92 7.55 29.26
CA ALA A 1015 11.63 7.56 27.84
C ALA A 1015 10.45 8.48 27.51
N ILE A 1016 9.44 8.48 28.35
CA ILE A 1016 8.26 9.34 28.18
C ILE A 1016 8.30 10.35 29.32
N PHE A 1017 8.77 11.56 29.04
CA PHE A 1017 8.92 12.60 30.04
C PHE A 1017 8.38 13.92 29.50
N GLY A 1018 7.70 14.67 30.37
CA GLY A 1018 7.09 15.91 29.97
C GLY A 1018 8.02 17.10 29.99
N GLU A 1019 8.89 17.21 29.00
CA GLU A 1019 9.77 18.36 28.90
C GLU A 1019 8.97 19.61 28.52
N ASP A 1020 9.62 20.77 28.68
CA ASP A 1020 9.01 22.06 28.37
C ASP A 1020 7.76 22.32 29.20
N SER A 1021 7.69 21.70 30.38
CA SER A 1021 6.59 21.89 31.31
C SER A 1021 7.10 22.68 32.50
N THR A 1022 6.52 23.87 32.72
CA THR A 1022 6.94 24.71 33.83
C THR A 1022 6.53 24.09 35.16
N LEU A 1023 7.37 24.27 36.16
CA LEU A 1023 7.10 23.75 37.50
C LEU A 1023 6.99 24.89 38.51
N LYS A 1388 13.73 25.57 35.56
CA LYS A 1388 12.65 26.08 34.73
C LYS A 1388 11.70 24.95 34.34
N THR A 1389 11.92 24.40 33.15
CA THR A 1389 11.08 23.31 32.67
C THR A 1389 11.40 22.01 33.39
N LEU A 1390 10.51 21.04 33.26
CA LEU A 1390 10.74 19.73 33.86
C LEU A 1390 11.96 19.05 33.25
N GLY A 1391 12.15 19.19 31.94
CA GLY A 1391 13.30 18.59 31.28
C GLY A 1391 14.62 19.23 31.66
N GLY A 1392 14.59 20.46 32.18
CA GLY A 1392 15.80 21.14 32.59
C GLY A 1392 16.37 20.73 33.94
N LYS A 1393 15.68 19.85 34.66
CA LYS A 1393 16.14 19.39 35.96
C LYS A 1393 16.23 17.87 36.05
N LEU A 1394 16.09 17.16 34.93
CA LEU A 1394 16.20 15.71 34.89
C LEU A 1394 17.61 15.26 34.48
N ASP A 1395 18.61 16.06 34.81
CA ASP A 1395 20.02 15.80 34.44
C ASP A 1395 20.09 15.69 32.91
N LYS A 1396 20.99 14.88 32.36
CA LYS A 1396 21.08 14.71 30.92
C LYS A 1396 21.25 13.26 30.49
N ALA A 1397 21.32 12.31 31.42
CA ALA A 1397 21.40 10.90 31.08
C ALA A 1397 20.08 10.18 31.19
N LEU A 1398 19.13 10.73 31.95
CA LEU A 1398 17.79 10.17 32.06
C LEU A 1398 16.85 10.69 30.98
N HIS A 1399 17.33 11.58 30.11
CA HIS A 1399 16.49 12.14 29.06
C HIS A 1399 16.18 11.06 28.01
N PRO A 1400 15.05 11.19 27.33
CA PRO A 1400 14.71 10.20 26.29
C PRO A 1400 15.77 10.15 25.20
N CYS A 1401 15.96 8.96 24.65
CA CYS A 1401 17.03 8.73 23.69
C CYS A 1401 16.68 9.30 22.32
N THR A 1402 17.62 10.06 21.75
CA THR A 1402 17.55 10.47 20.36
C THR A 1402 18.03 9.31 19.49
N GLY A 1403 18.35 9.59 18.23
CA GLY A 1403 18.83 8.58 17.31
C GLY A 1403 19.95 7.72 17.86
N LEU A 1404 20.16 6.55 17.25
CA LEU A 1404 21.03 5.52 17.81
C LEU A 1404 22.50 5.92 17.85
N SER A 1405 22.86 7.15 17.47
CA SER A 1405 24.25 7.56 17.54
C SER A 1405 24.77 7.58 18.96
N ASP A 1406 23.95 8.05 19.90
CA ASP A 1406 24.35 8.19 21.29
C ASP A 1406 24.07 6.96 22.14
N GLY A 1407 23.60 5.88 21.53
CA GLY A 1407 23.31 4.65 22.26
C GLY A 1407 21.87 4.57 22.72
N LEU A 1408 21.53 3.41 23.29
CA LEU A 1408 20.18 3.13 23.76
C LEU A 1408 20.20 2.52 25.15
N CYS A 1409 19.23 2.90 25.96
CA CYS A 1409 19.09 2.34 27.30
C CYS A 1409 18.71 0.87 27.23
N PRO A 1410 18.99 0.11 28.29
CA PRO A 1410 18.53 -1.29 28.31
C PRO A 1410 17.04 -1.43 28.08
N GLY A 1411 16.23 -0.54 28.66
CA GLY A 1411 14.82 -0.50 28.32
C GLY A 1411 14.60 -0.03 26.89
N CYS A 1412 15.36 0.96 26.45
CA CYS A 1412 15.24 1.48 25.09
C CYS A 1412 15.84 0.52 24.07
N HIS A 1413 16.81 -0.29 24.48
CA HIS A 1413 17.40 -1.30 23.61
C HIS A 1413 16.49 -2.50 23.44
N LEU A 1414 15.52 -2.68 24.33
CA LEU A 1414 14.66 -3.85 24.34
C LEU A 1414 13.25 -3.54 23.86
N PHE A 1415 12.59 -2.55 24.47
CA PHE A 1415 11.26 -2.14 24.05
C PHE A 1415 11.30 -1.18 22.87
N GLY A 1416 12.47 -0.61 22.56
CA GLY A 1416 12.64 0.21 21.39
C GLY A 1416 12.28 1.66 21.61
N THR A 1417 12.74 2.49 20.68
CA THR A 1417 12.45 3.91 20.65
C THR A 1417 12.13 4.29 19.21
N THR A 1418 12.13 5.59 18.92
CA THR A 1418 11.98 6.02 17.53
C THR A 1418 13.13 5.45 16.70
N ASP A 1419 12.89 5.32 15.39
CA ASP A 1419 13.76 4.79 14.35
C ASP A 1419 14.55 3.56 14.82
N TYR A 1420 13.94 2.76 15.69
CA TYR A 1420 14.49 1.45 16.06
C TYR A 1420 13.36 0.64 16.67
N LYS A 1421 12.90 -0.39 15.97
CA LYS A 1421 11.83 -1.23 16.48
C LYS A 1421 12.30 -2.00 17.71
N GLY A 1422 11.40 -2.18 18.67
CA GLY A 1422 11.73 -2.93 19.85
C GLY A 1422 11.78 -4.42 19.59
N ARG A 1423 12.62 -5.11 20.37
CA ARG A 1423 12.82 -6.54 20.20
C ARG A 1423 11.85 -7.37 21.05
N VAL A 1424 10.92 -6.74 21.75
CA VAL A 1424 9.96 -7.41 22.61
C VAL A 1424 8.56 -7.00 22.20
N LYS A 1425 7.70 -7.97 21.92
CA LYS A 1425 6.35 -7.75 21.43
C LYS A 1425 5.36 -8.29 22.45
N PHE A 1426 4.49 -7.43 22.95
CA PHE A 1426 3.50 -7.79 23.95
C PHE A 1426 2.13 -7.97 23.31
N GLY A 1427 1.50 -9.12 23.54
CA GLY A 1427 0.22 -9.41 22.95
C GLY A 1427 -0.95 -8.93 23.79
N PHE A 1428 -2.14 -9.02 23.20
CA PHE A 1428 -3.37 -8.68 23.90
C PHE A 1428 -3.76 -9.83 24.81
N ALA A 1429 -3.91 -9.54 26.11
CA ALA A 1429 -4.16 -10.58 27.09
C ALA A 1429 -5.61 -11.07 26.98
N LYS A 1430 -5.77 -12.37 26.71
CA LYS A 1430 -7.10 -12.99 26.74
C LYS A 1430 -7.47 -13.26 28.19
N TYR A 1431 -8.58 -13.97 28.42
CA TYR A 1431 -9.08 -14.15 29.78
C TYR A 1431 -8.93 -15.59 30.26
N GLU A 1432 -9.50 -16.56 29.57
CA GLU A 1432 -9.39 -17.97 29.92
C GLU A 1432 -9.82 -18.23 31.37
N ASN A 1433 -11.11 -17.96 31.62
CA ASN A 1433 -11.80 -18.34 32.85
C ASN A 1433 -11.37 -17.52 34.06
N GLY A 1434 -12.19 -17.55 35.11
CA GLY A 1434 -11.94 -16.80 36.32
C GLY A 1434 -13.20 -16.12 36.84
N PRO A 1435 -13.17 -15.64 38.09
CA PRO A 1435 -14.32 -14.90 38.61
C PRO A 1435 -14.44 -13.53 37.97
N GLU A 1436 -15.42 -13.38 37.07
CA GLU A 1436 -15.44 -12.27 36.13
C GLU A 1436 -15.55 -10.90 36.80
N TRP A 1437 -16.67 -10.63 37.47
CA TRP A 1437 -17.00 -9.27 37.85
C TRP A 1437 -17.04 -9.11 39.36
N LEU A 1438 -16.78 -7.88 39.79
CA LEU A 1438 -16.95 -7.48 41.18
C LEU A 1438 -18.35 -6.90 41.36
N ILE A 1439 -19.10 -7.45 42.31
CA ILE A 1439 -20.48 -7.06 42.54
C ILE A 1439 -20.50 -6.07 43.69
N THR A 1440 -20.93 -4.83 43.40
CA THR A 1440 -20.95 -3.78 44.41
C THR A 1440 -22.23 -3.79 45.25
N ARG A 1441 -23.33 -4.31 44.69
CA ARG A 1441 -24.61 -4.39 45.40
C ARG A 1441 -25.09 -3.00 45.84
N GLY A 1442 -25.42 -2.20 44.83
CA GLY A 1442 -25.83 -0.82 45.06
C GLY A 1442 -25.37 0.13 43.98
N ASN A 1443 -24.51 -0.35 43.09
CA ASN A 1443 -24.12 0.44 41.93
C ASN A 1443 -25.20 0.35 40.85
N ASN A 1444 -25.14 1.27 39.89
CA ASN A 1444 -26.14 1.31 38.83
C ASN A 1444 -26.19 0.03 38.01
N PRO A 1445 -25.08 -0.53 37.53
CA PRO A 1445 -25.15 -1.84 36.84
C PRO A 1445 -24.87 -3.04 37.73
N GLU A 1446 -24.68 -2.82 39.03
CA GLU A 1446 -24.46 -3.89 40.02
C GLU A 1446 -23.16 -4.65 39.76
N ARG A 1447 -22.38 -4.20 38.77
CA ARG A 1447 -21.09 -4.80 38.46
C ARG A 1447 -20.05 -3.74 38.14
N SER A 1448 -20.18 -2.57 38.76
CA SER A 1448 -19.32 -1.42 38.46
C SER A 1448 -18.83 -0.82 39.77
N LEU A 1449 -18.08 0.27 39.64
CA LEU A 1449 -17.56 1.00 40.80
C LEU A 1449 -17.30 2.43 40.38
N THR A 1450 -17.94 3.38 41.05
CA THR A 1450 -17.73 4.80 40.77
C THR A 1450 -16.42 5.23 41.41
N LEU A 1451 -15.45 5.59 40.59
CA LEU A 1451 -14.13 5.96 41.09
C LEU A 1451 -14.15 7.38 41.64
N GLY A 1452 -13.07 7.73 42.32
CA GLY A 1452 -12.92 9.07 42.86
C GLY A 1452 -12.53 10.08 41.80
N VAL A 1453 -12.29 11.31 42.25
CA VAL A 1453 -11.89 12.37 41.34
C VAL A 1453 -10.44 12.14 40.96
N LEU A 1454 -10.22 11.54 39.80
CA LEU A 1454 -8.88 11.24 39.30
C LEU A 1454 -8.33 12.51 38.67
N GLU A 1455 -7.62 13.30 39.46
CA GLU A 1455 -7.07 14.57 39.02
C GLU A 1455 -5.66 14.36 38.47
N SER A 1456 -5.20 15.36 37.71
CA SER A 1456 -3.89 15.27 37.10
C SER A 1456 -2.80 15.24 38.16
N PRO A 1457 -1.72 14.49 37.94
CA PRO A 1457 -0.59 14.53 38.87
C PRO A 1457 0.00 15.92 38.94
N ARG A 1458 0.44 16.30 40.13
CA ARG A 1458 0.96 17.65 40.36
C ARG A 1458 2.45 17.58 40.68
N PRO A 1459 3.33 17.80 39.70
CA PRO A 1459 4.78 17.78 40.00
C PRO A 1459 5.21 18.89 40.96
N ALA A 1460 4.41 19.95 41.12
CA ALA A 1460 4.80 21.04 42.02
C ALA A 1460 4.87 20.59 43.47
N PHE A 1461 4.16 19.51 43.83
CA PHE A 1461 4.28 18.98 45.19
C PHE A 1461 5.61 18.26 45.37
N SER A 1462 6.06 17.53 44.35
CA SER A 1462 7.31 16.79 44.40
C SER A 1462 8.51 17.65 44.04
N ILE A 1463 8.29 18.83 43.45
CA ILE A 1463 9.36 19.77 43.14
C ILE A 1463 8.95 21.12 43.70
N PRO A 1464 8.90 21.29 45.03
CA PRO A 1464 8.38 22.53 45.59
C PRO A 1464 9.32 23.72 45.46
N ASP A 1465 10.58 23.50 45.11
CA ASP A 1465 11.55 24.59 45.00
C ASP A 1465 12.63 24.19 44.01
N ASP A 1466 13.38 25.21 43.56
CA ASP A 1466 14.49 24.96 42.65
C ASP A 1466 15.57 24.08 43.26
N GLU A 1467 15.68 24.06 44.59
CA GLU A 1467 16.65 23.19 45.25
C GLU A 1467 16.33 21.72 44.99
N SER A 1468 15.05 21.35 45.06
CA SER A 1468 14.62 19.99 44.76
C SER A 1468 14.80 19.74 43.27
N GLU A 1469 15.78 18.90 42.92
CA GLU A 1469 16.13 18.73 41.51
C GLU A 1469 15.07 17.96 40.75
N ILE A 1470 14.86 16.69 41.12
CA ILE A 1470 13.87 15.86 40.45
C ILE A 1470 13.66 14.57 41.24
N PRO A 1471 12.41 14.15 41.45
CA PRO A 1471 12.16 12.79 41.95
C PRO A 1471 12.23 11.77 40.81
N GLY A 1472 12.24 10.50 41.19
CA GLY A 1472 12.34 9.42 40.23
C GLY A 1472 11.00 9.03 39.64
N ARG A 1473 10.95 7.81 39.12
CA ARG A 1473 9.72 7.30 38.53
C ARG A 1473 8.64 7.12 39.59
N LYS A 1474 7.42 7.53 39.26
CA LYS A 1474 6.31 7.40 40.20
C LYS A 1474 5.74 5.99 40.13
N PHE A 1475 5.74 5.31 41.27
CA PHE A 1475 5.17 3.98 41.40
C PHE A 1475 4.11 4.00 42.48
N TYR A 1476 3.02 3.26 42.26
CA TYR A 1476 1.87 3.26 43.15
C TYR A 1476 1.90 2.03 44.04
N LEU A 1477 1.53 2.20 45.30
CA LEU A 1477 1.57 1.12 46.27
C LEU A 1477 0.49 0.08 45.96
N HIS A 1478 0.61 -1.07 46.61
CA HIS A 1478 -0.28 -2.21 46.39
C HIS A 1478 -1.31 -2.34 47.51
N HIS A 1479 -1.81 -1.22 48.02
CA HIS A 1479 -2.78 -1.24 49.10
C HIS A 1479 -4.14 -1.74 48.62
N ASN A 1480 -4.94 -2.19 49.57
CA ASN A 1480 -6.34 -2.53 49.31
C ASN A 1480 -7.25 -1.35 49.63
N GLY A 1481 -6.93 -0.18 49.07
CA GLY A 1481 -7.74 1.01 49.29
C GLY A 1481 -8.98 1.10 48.45
N TRP A 1482 -9.17 0.17 47.52
CA TRP A 1482 -10.37 0.14 46.70
C TRP A 1482 -11.62 -0.18 47.52
N ARG A 1483 -11.45 -0.83 48.67
CA ARG A 1483 -12.60 -1.12 49.53
C ARG A 1483 -13.22 0.16 50.07
N ILE A 1484 -12.39 1.17 50.34
CA ILE A 1484 -12.93 2.47 50.76
C ILE A 1484 -13.81 3.06 49.67
N ILE A 1485 -13.34 3.00 48.42
CA ILE A 1485 -14.18 3.42 47.30
C ILE A 1485 -15.41 2.53 47.18
N ARG A 1486 -15.21 1.22 47.34
CA ARG A 1486 -16.34 0.28 47.25
C ARG A 1486 -17.35 0.53 48.38
N GLN A 1487 -16.86 0.76 49.60
CA GLN A 1487 -17.77 0.96 50.73
C GLN A 1487 -18.48 2.30 50.63
N LYS A 1488 -17.75 3.36 50.28
CA LYS A 1488 -18.32 4.70 50.20
C LYS A 1488 -18.80 5.02 48.79
N GLN A 1489 -19.62 4.13 48.23
CA GLN A 1489 -20.19 4.38 46.90
C GLN A 1489 -21.33 5.39 46.97
N LEU A 1490 -22.12 5.35 48.03
CA LEU A 1490 -23.22 6.31 48.18
C LEU A 1490 -22.69 7.72 48.43
N GLU A 1491 -21.59 7.83 49.17
CA GLU A 1491 -21.03 9.13 49.54
C GLU A 1491 -20.14 9.73 48.47
N ILE A 1492 -19.90 9.01 47.36
CA ILE A 1492 -19.05 9.52 46.29
C ILE A 1492 -19.87 9.93 45.07
N ARG A 1493 -21.05 9.34 44.86
CA ARG A 1493 -21.91 9.72 43.75
C ARG A 1493 -22.79 10.92 44.06
N GLU A 1494 -22.74 11.45 45.27
CA GLU A 1494 -23.53 12.60 45.67
C GLU A 1494 -22.72 13.81 46.07
N THR A 1495 -21.52 13.62 46.61
CA THR A 1495 -20.68 14.72 47.07
C THR A 1495 -19.69 15.18 46.00
N VAL A 1496 -19.71 14.60 44.81
CA VAL A 1496 -18.83 15.00 43.72
C VAL A 1496 -19.65 15.06 42.44
N GLN A 1497 -19.36 16.07 41.61
CA GLN A 1497 -20.14 16.30 40.41
C GLN A 1497 -19.98 15.13 39.43
N PRO A 1498 -21.04 14.77 38.70
CA PRO A 1498 -20.95 13.63 37.77
C PRO A 1498 -19.90 13.83 36.68
N GLU A 1499 -19.70 15.06 36.20
CA GLU A 1499 -18.74 15.30 35.13
C GLU A 1499 -17.30 15.22 35.58
N ARG A 1500 -17.04 15.16 36.89
CA ARG A 1500 -15.70 14.94 37.40
C ARG A 1500 -15.41 13.49 37.74
N ASN A 1501 -16.42 12.74 38.21
CA ASN A 1501 -16.22 11.34 38.54
C ASN A 1501 -16.25 10.48 37.28
N VAL A 1502 -15.77 9.25 37.44
CA VAL A 1502 -15.81 8.25 36.38
C VAL A 1502 -16.25 6.93 37.00
N THR A 1503 -17.19 6.26 36.34
CA THR A 1503 -17.65 4.94 36.77
C THR A 1503 -17.42 3.93 35.65
N THR A 1504 -17.08 2.71 36.04
CA THR A 1504 -16.77 1.67 35.08
C THR A 1504 -16.84 0.32 35.78
N GLU A 1505 -17.12 -0.71 34.99
CA GLU A 1505 -17.14 -2.07 35.51
C GLU A 1505 -15.71 -2.53 35.78
N VAL A 1506 -15.53 -3.22 36.91
CA VAL A 1506 -14.20 -3.59 37.38
C VAL A 1506 -14.13 -5.10 37.53
N MET A 1507 -12.94 -5.64 37.31
CA MET A 1507 -12.73 -7.07 37.50
C MET A 1507 -12.66 -7.38 38.99
N ASP A 1508 -12.84 -8.65 39.32
CA ASP A 1508 -12.82 -9.07 40.72
C ASP A 1508 -11.40 -9.44 41.12
N LYS A 1509 -11.26 -10.01 42.32
CA LYS A 1509 -9.97 -10.47 42.80
C LYS A 1509 -9.66 -11.85 42.24
N GLY A 1510 -8.38 -12.09 41.98
CA GLY A 1510 -7.95 -13.38 41.44
C GLY A 1510 -8.44 -13.67 40.05
N ASN A 1511 -8.45 -12.67 39.17
CA ASN A 1511 -8.84 -12.86 37.78
C ASN A 1511 -7.62 -13.21 36.96
N VAL A 1512 -7.64 -14.37 36.32
CA VAL A 1512 -6.51 -14.87 35.55
C VAL A 1512 -6.68 -14.42 34.10
N PHE A 1513 -5.63 -13.84 33.54
CA PHE A 1513 -5.54 -13.52 32.12
C PHE A 1513 -4.43 -14.35 31.49
N SER A 1514 -4.15 -14.10 30.21
CA SER A 1514 -3.11 -14.85 29.51
C SER A 1514 -2.65 -14.03 28.31
N PHE A 1515 -1.37 -13.64 28.33
CA PHE A 1515 -0.77 -12.87 27.24
C PHE A 1515 0.59 -13.46 26.88
N ASP A 1516 0.98 -13.24 25.63
CA ASP A 1516 2.24 -13.74 25.10
C ASP A 1516 3.21 -12.60 24.88
N VAL A 1517 4.50 -12.91 24.99
CA VAL A 1517 5.58 -11.95 24.78
C VAL A 1517 6.48 -12.53 23.70
N ARG A 1518 6.24 -12.14 22.44
CA ARG A 1518 7.07 -12.59 21.32
C ARG A 1518 8.38 -11.80 21.35
N PHE A 1519 9.34 -12.30 22.10
CA PHE A 1519 10.66 -11.70 22.20
C PHE A 1519 11.58 -12.28 21.15
N GLU A 1520 12.42 -11.43 20.56
CA GLU A 1520 13.28 -11.83 19.46
C GLU A 1520 14.64 -11.16 19.60
N ASN A 1521 15.71 -11.93 19.37
CA ASN A 1521 17.08 -11.40 19.35
C ASN A 1521 17.45 -10.72 20.67
N LEU A 1522 17.04 -11.34 21.78
CA LEU A 1522 17.45 -10.89 23.11
C LEU A 1522 18.73 -11.58 23.50
N ARG A 1523 19.59 -10.86 24.23
CA ARG A 1523 20.80 -11.44 24.76
C ARG A 1523 20.47 -12.48 25.83
N GLU A 1524 21.49 -13.18 26.30
CA GLU A 1524 21.29 -14.21 27.32
C GLU A 1524 20.75 -13.61 28.60
N TRP A 1525 21.23 -12.42 28.97
CA TRP A 1525 20.79 -11.73 30.18
C TRP A 1525 19.54 -10.89 29.97
N GLU A 1526 19.32 -10.39 28.76
CA GLU A 1526 18.13 -9.59 28.48
C GLU A 1526 16.86 -10.42 28.68
N LEU A 1527 16.87 -11.67 28.23
CA LEU A 1527 15.73 -12.55 28.46
C LEU A 1527 15.50 -12.78 29.95
N GLY A 1528 16.57 -13.01 30.70
CA GLY A 1528 16.42 -13.20 32.14
C GLY A 1528 15.96 -11.94 32.85
N LEU A 1529 16.43 -10.78 32.38
CA LEU A 1529 15.97 -9.52 32.97
C LEU A 1529 14.48 -9.32 32.77
N LEU A 1530 13.97 -9.67 31.59
CA LEU A 1530 12.54 -9.50 31.33
C LEU A 1530 11.70 -10.52 32.08
N LEU A 1531 12.21 -11.74 32.24
CA LEU A 1531 11.51 -12.71 33.09
C LEU A 1531 11.45 -12.23 34.53
N GLN A 1532 12.55 -11.68 35.04
CA GLN A 1532 12.51 -11.03 36.35
C GLN A 1532 11.61 -9.81 36.31
N SER A 1533 11.63 -9.07 35.20
CA SER A 1533 10.69 -7.95 35.05
C SER A 1533 9.25 -8.45 34.99
N LEU A 1534 9.02 -9.58 34.32
CA LEU A 1534 7.67 -10.13 34.27
C LEU A 1534 7.23 -10.62 35.65
N ASP A 1535 8.05 -11.43 36.30
CA ASP A 1535 7.73 -12.03 37.59
C ASP A 1535 8.85 -11.73 38.56
N PRO A 1536 8.81 -10.58 39.22
CA PRO A 1536 9.89 -10.24 40.18
C PRO A 1536 10.00 -11.20 41.35
N GLY A 1537 8.96 -11.97 41.64
CA GLY A 1537 9.01 -12.97 42.67
C GLY A 1537 7.74 -12.98 43.48
N LYS A 1538 7.74 -13.77 44.54
CA LYS A 1538 6.59 -13.81 45.44
C LYS A 1538 6.49 -12.51 46.23
N ASN A 1539 5.27 -12.18 46.65
CA ASN A 1539 4.93 -10.99 47.40
C ASN A 1539 5.19 -9.71 46.61
N ILE A 1540 5.45 -9.81 45.31
CA ILE A 1540 5.74 -8.67 44.45
C ILE A 1540 4.89 -8.79 43.19
N ALA A 1541 4.24 -7.70 42.79
CA ALA A 1541 3.33 -7.72 41.65
C ALA A 1541 3.44 -6.38 40.93
N HIS A 1542 2.53 -6.16 39.98
CA HIS A 1542 2.53 -4.98 39.11
C HIS A 1542 1.22 -4.22 39.25
N LYS A 1543 1.07 -3.16 38.46
CA LYS A 1543 -0.11 -2.30 38.50
C LYS A 1543 -0.61 -2.01 37.09
N LEU A 1544 -1.92 -2.17 36.88
CA LEU A 1544 -2.54 -1.95 35.59
C LEU A 1544 -3.78 -1.06 35.73
N GLY A 1545 -4.00 -0.22 34.72
CA GLY A 1545 -5.25 0.50 34.59
C GLY A 1545 -5.41 1.62 35.60
N LYS A 1546 -6.62 2.16 35.63
CA LYS A 1546 -6.93 3.24 36.56
C LYS A 1546 -7.01 2.70 37.99
N GLY A 1547 -7.14 3.62 38.93
CA GLY A 1547 -7.26 3.28 40.32
C GLY A 1547 -5.98 2.84 40.99
N LYS A 1548 -4.84 3.00 40.32
CA LYS A 1548 -3.57 2.74 40.98
C LYS A 1548 -3.38 3.56 42.25
N PRO A 1549 -3.69 4.87 42.29
CA PRO A 1549 -3.68 5.58 43.58
C PRO A 1549 -4.73 5.08 44.55
N TYR A 1550 -5.78 4.41 44.05
CA TYR A 1550 -6.87 3.93 44.89
C TYR A 1550 -6.74 2.44 45.21
N GLY A 1551 -5.62 1.82 44.87
CA GLY A 1551 -5.41 0.41 45.14
C GLY A 1551 -5.98 -0.52 44.11
N PHE A 1552 -6.49 -0.01 42.99
CA PHE A 1552 -7.04 -0.85 41.95
C PHE A 1552 -5.92 -1.42 41.08
N GLY A 1553 -6.24 -2.50 40.39
CA GLY A 1553 -5.34 -3.08 39.41
C GLY A 1553 -3.98 -3.48 39.93
N SER A 1554 -3.92 -4.49 40.79
CA SER A 1554 -2.67 -5.11 41.21
C SER A 1554 -2.62 -6.50 40.59
N VAL A 1555 -1.71 -6.70 39.65
CA VAL A 1555 -1.69 -7.88 38.80
C VAL A 1555 -0.40 -8.64 39.02
N LYS A 1556 -0.50 -9.97 39.05
CA LYS A 1556 0.64 -10.85 39.25
C LYS A 1556 0.87 -11.67 37.98
N ILE A 1557 2.09 -11.64 37.46
CA ILE A 1557 2.46 -12.31 36.22
C ILE A 1557 3.23 -13.57 36.56
N LYS A 1558 2.80 -14.70 36.02
CA LYS A 1558 3.48 -15.98 36.19
C LYS A 1558 3.77 -16.56 34.82
N ILE A 1559 5.04 -16.85 34.54
CA ILE A 1559 5.44 -17.41 33.25
C ILE A 1559 5.02 -18.87 33.20
N ASP A 1560 4.07 -19.19 32.31
CA ASP A 1560 3.65 -20.57 32.13
C ASP A 1560 4.75 -21.39 31.45
N SER A 1561 5.31 -20.87 30.36
CA SER A 1561 6.27 -21.63 29.58
C SER A 1561 7.04 -20.68 28.67
N LEU A 1562 8.36 -20.87 28.62
CA LEU A 1562 9.22 -20.16 27.69
C LEU A 1562 9.62 -21.10 26.55
N HIS A 1563 9.41 -20.66 25.32
CA HIS A 1563 9.79 -21.41 24.14
C HIS A 1563 10.90 -20.68 23.40
N THR A 1564 11.78 -21.45 22.77
CA THR A 1564 12.93 -20.90 22.06
C THR A 1564 13.10 -21.61 20.72
N PHE A 1565 13.28 -20.82 19.67
CA PHE A 1565 13.59 -21.35 18.35
C PHE A 1565 14.95 -20.83 17.90
N LYS A 1566 15.66 -21.64 17.13
CA LYS A 1566 16.98 -21.27 16.63
C LYS A 1566 17.14 -21.65 15.16
N ILE A 1574 10.11 -22.97 19.39
CA ILE A 1574 9.71 -24.31 19.00
C ILE A 1574 10.30 -25.35 19.94
N LYS A 1575 11.31 -24.95 20.71
CA LYS A 1575 11.98 -25.81 21.68
C LYS A 1575 11.80 -25.19 23.06
N ARG A 1576 10.89 -25.75 23.85
CA ARG A 1576 10.63 -25.22 25.19
C ARG A 1576 11.84 -25.44 26.09
N VAL A 1577 12.26 -24.37 26.77
CA VAL A 1577 13.36 -24.47 27.73
C VAL A 1577 12.79 -24.88 29.08
N PRO A 1578 13.44 -25.79 29.80
CA PRO A 1578 12.92 -26.24 31.09
C PRO A 1578 13.20 -25.21 32.18
N GLN A 1579 12.63 -25.49 33.37
CA GLN A 1579 12.87 -24.62 34.52
C GLN A 1579 14.35 -24.55 34.86
N SER A 1580 15.07 -25.66 34.67
CA SER A 1580 16.51 -25.65 34.92
C SER A 1580 17.22 -24.69 33.98
N ASP A 1581 16.70 -24.48 32.78
CA ASP A 1581 17.25 -23.50 31.85
C ASP A 1581 16.63 -22.12 32.01
N ILE A 1582 15.50 -22.00 32.69
CA ILE A 1582 14.99 -20.68 33.06
C ILE A 1582 15.98 -19.99 33.97
N ARG A 1583 16.51 -20.71 34.96
CA ARG A 1583 17.69 -20.25 35.66
C ARG A 1583 18.88 -20.22 34.72
N GLU A 1584 19.88 -19.41 35.06
CA GLU A 1584 21.03 -19.06 34.25
C GLU A 1584 20.67 -18.09 33.13
N TYR A 1585 19.37 -17.83 32.91
CA TYR A 1585 18.93 -16.62 32.21
C TYR A 1585 18.72 -15.50 33.20
N ILE A 1586 17.87 -15.73 34.21
CA ILE A 1586 17.66 -14.76 35.29
C ILE A 1586 18.93 -14.60 36.11
N ASN A 1587 19.65 -15.71 36.34
CA ASN A 1587 20.85 -15.66 37.18
C ASN A 1587 21.95 -14.81 36.58
N LYS A 1588 22.15 -14.85 35.26
CA LYS A 1588 23.12 -13.94 34.65
C LYS A 1588 22.50 -12.60 34.29
N GLY A 1589 21.17 -12.56 34.12
CA GLY A 1589 20.50 -11.26 34.10
C GLY A 1589 20.67 -10.53 35.41
N TYR A 1590 20.73 -11.29 36.52
CA TYR A 1590 21.14 -10.71 37.79
C TYR A 1590 22.58 -10.26 37.77
N GLN A 1591 23.46 -11.04 37.13
CA GLN A 1591 24.88 -10.68 37.07
C GLN A 1591 25.09 -9.41 36.27
N LYS A 1592 24.29 -9.20 35.22
CA LYS A 1592 24.39 -7.97 34.44
C LYS A 1592 24.04 -6.76 35.28
N LEU A 1593 23.03 -6.89 36.15
CA LEU A 1593 22.64 -5.78 37.01
C LEU A 1593 23.76 -5.42 37.99
N ILE A 1594 24.56 -6.40 38.41
CA ILE A 1594 25.63 -6.13 39.36
C ILE A 1594 26.70 -5.26 38.73
N GLU A 1595 27.13 -5.61 37.50
CA GLU A 1595 28.20 -4.89 36.84
C GLU A 1595 27.79 -3.50 36.38
N TRP A 1596 26.49 -3.18 36.39
CA TRP A 1596 26.04 -1.85 36.02
C TRP A 1596 26.18 -0.88 37.18
N LEU A 1608 20.28 -18.82 44.66
CA LEU A 1608 19.32 -17.93 44.02
C LEU A 1608 19.67 -16.47 44.26
N PRO A 1609 19.46 -15.63 43.26
CA PRO A 1609 19.82 -14.21 43.40
C PRO A 1609 18.97 -13.51 44.46
N GLN A 1610 19.58 -12.52 45.11
CA GLN A 1610 18.92 -11.67 46.10
C GLN A 1610 18.84 -10.27 45.51
N TRP A 1611 17.67 -9.92 44.97
CA TRP A 1611 17.50 -8.65 44.27
C TRP A 1611 17.54 -7.45 45.21
N HIS A 1612 17.24 -7.65 46.49
CA HIS A 1612 17.30 -6.53 47.44
C HIS A 1612 18.73 -6.09 47.74
N VAL A 1613 19.73 -6.83 47.28
CA VAL A 1613 21.12 -6.41 47.48
C VAL A 1613 21.39 -5.10 46.74
N ILE A 1614 20.91 -4.98 45.51
CA ILE A 1614 21.09 -3.75 44.75
C ILE A 1614 20.22 -2.66 45.36
N PRO A 1615 20.78 -1.49 45.68
CA PRO A 1615 19.98 -0.46 46.40
C PRO A 1615 18.74 0.00 45.67
N HIS A 1616 18.79 0.09 44.34
CA HIS A 1616 17.64 0.62 43.58
C HIS A 1616 16.62 -0.45 43.23
N ILE A 1617 16.92 -1.72 43.48
CA ILE A 1617 15.95 -2.80 43.24
C ILE A 1617 15.27 -3.13 44.55
N ASP A 1618 15.98 -2.93 45.66
CA ASP A 1618 15.33 -3.02 46.96
C ASP A 1618 14.25 -1.96 47.10
N LYS A 1619 14.53 -0.73 46.65
CA LYS A 1619 13.52 0.31 46.64
C LYS A 1619 12.43 0.01 45.61
N LEU A 1620 12.82 -0.51 44.44
CA LEU A 1620 11.83 -0.82 43.41
C LEU A 1620 10.88 -1.91 43.86
N TYR A 1621 11.39 -2.96 44.49
CA TYR A 1621 10.55 -4.08 44.90
C TYR A 1621 9.76 -3.78 46.16
N LYS A 1622 10.19 -2.80 46.97
CA LYS A 1622 9.35 -2.33 48.07
C LYS A 1622 8.08 -1.68 47.54
N LEU A 1623 8.20 -0.88 46.49
CA LEU A 1623 7.03 -0.27 45.88
C LEU A 1623 6.09 -1.32 45.30
N LEU A 1624 6.64 -2.32 44.63
CA LEU A 1624 5.84 -3.40 44.05
C LEU A 1624 5.52 -4.49 45.05
N TRP A 1625 6.03 -4.39 46.28
CA TRP A 1625 5.72 -5.38 47.31
C TRP A 1625 4.23 -5.35 47.65
N VAL A 1626 3.64 -6.53 47.77
CA VAL A 1626 2.21 -6.65 48.03
C VAL A 1626 2.01 -7.14 49.46
N PRO A 1627 1.62 -6.25 50.39
CA PRO A 1627 1.55 -6.67 51.79
C PRO A 1627 0.22 -7.29 52.21
N PHE A 1628 -0.34 -8.19 51.39
CA PHE A 1628 -1.44 -9.02 51.87
C PHE A 1628 -1.36 -10.45 51.33
N LEU A 1629 -0.29 -10.82 50.64
CA LEU A 1629 -0.17 -12.16 50.10
C LEU A 1629 0.29 -13.15 51.17
N LEU A 1634 -0.26 -5.98 56.95
CA LEU A 1634 -1.36 -6.87 56.61
C LEU A 1634 -2.40 -6.16 55.75
N GLU A 1635 -2.95 -5.07 56.27
CA GLU A 1635 -3.89 -4.22 55.54
C GLU A 1635 -3.51 -2.76 55.74
N PRO A 1636 -2.43 -2.31 55.11
CA PRO A 1636 -1.99 -0.92 55.31
C PRO A 1636 -2.99 0.09 54.78
N ASP A 1637 -3.09 1.21 55.47
CA ASP A 1637 -3.97 2.30 55.07
C ASP A 1637 -3.21 3.26 54.17
N VAL A 1638 -3.78 3.55 53.00
CA VAL A 1638 -3.13 4.38 52.00
C VAL A 1638 -4.17 5.29 51.36
N ARG A 1639 -3.94 6.60 51.43
CA ARG A 1639 -4.81 7.56 50.77
C ARG A 1639 -4.08 8.88 50.62
N TYR A 1640 -4.57 9.72 49.69
CA TYR A 1640 -4.05 11.06 49.51
C TYR A 1640 -4.56 11.99 50.61
N PRO A 1641 -3.77 13.00 50.97
CA PRO A 1641 -4.27 14.02 51.89
C PRO A 1641 -5.32 14.89 51.23
N VAL A 1642 -6.14 15.51 52.06
CA VAL A 1642 -7.19 16.40 51.60
C VAL A 1642 -6.73 17.84 51.77
N LEU A 1643 -7.43 18.77 51.12
CA LEU A 1643 -7.15 20.19 51.28
C LEU A 1643 -7.87 20.69 52.51
N ASN A 1644 -7.11 21.00 53.57
CA ASN A 1644 -7.67 21.51 54.81
C ASN A 1644 -8.76 20.58 55.35
N GLU A 1645 -9.67 21.11 56.16
CA GLU A 1645 -10.76 20.31 56.69
C GLU A 1645 -11.82 20.06 55.62
N GLU A 1646 -11.46 19.30 54.60
CA GLU A 1646 -12.37 18.90 53.54
C GLU A 1646 -13.13 17.65 53.96
N SER A 1647 -13.78 16.97 53.01
CA SER A 1647 -14.54 15.76 53.30
C SER A 1647 -13.52 14.64 53.61
N LYS A 1648 -13.11 14.60 54.87
CA LYS A 1648 -12.08 13.69 55.35
C LYS A 1648 -12.70 12.32 55.62
N GLY A 1649 -11.93 11.44 56.25
CA GLY A 1649 -12.40 10.11 56.57
C GLY A 1649 -12.30 9.78 58.05
N ASP A 1655 -4.77 16.89 60.68
CA ASP A 1655 -4.48 15.47 60.63
C ASP A 1655 -4.51 14.95 59.20
N TYR A 1656 -3.33 14.89 58.58
CA TYR A 1656 -3.17 14.38 57.21
C TYR A 1656 -4.00 15.20 56.22
N THR A 1657 -3.71 16.51 56.19
CA THR A 1657 -4.38 17.43 55.28
C THR A 1657 -3.35 18.29 54.58
N TYR A 1658 -3.64 18.64 53.33
CA TYR A 1658 -2.82 19.60 52.61
C TYR A 1658 -2.97 20.99 53.22
N LYS A 1659 -2.05 21.88 52.85
CA LYS A 1659 -1.93 23.24 53.39
C LYS A 1659 -1.46 23.20 54.84
N LYS A 1660 -1.36 22.00 55.40
CA LYS A 1660 -0.70 21.74 56.67
C LYS A 1660 0.45 20.76 56.51
N LEU A 1661 0.21 19.64 55.84
CA LEU A 1661 1.25 18.69 55.47
C LEU A 1661 2.09 19.19 54.30
N GLY A 1662 1.59 20.15 53.53
CA GLY A 1662 2.34 20.80 52.48
C GLY A 1662 2.85 22.18 52.83
N ASP A 1663 2.77 22.58 54.10
CA ASP A 1663 3.23 23.90 54.53
C ASP A 1663 4.68 23.82 54.97
N LYS A 1664 5.49 24.76 54.50
CA LYS A 1664 6.92 24.73 54.79
C LYS A 1664 7.19 24.87 56.28
N ASP A 1665 6.43 25.73 56.97
CA ASP A 1665 6.66 25.93 58.40
C ASP A 1665 6.30 24.68 59.20
N ASN A 1666 5.13 24.10 58.93
CA ASN A 1666 4.71 22.91 59.67
C ASN A 1666 5.59 21.70 59.32
N LEU A 1667 5.95 21.55 58.05
CA LEU A 1667 6.77 20.44 57.59
C LEU A 1667 7.85 20.99 56.67
N PRO A 1668 9.12 20.68 56.90
CA PRO A 1668 10.17 21.22 56.04
C PRO A 1668 10.13 20.61 54.65
N TYR A 1669 11.08 21.00 53.80
CA TYR A 1669 11.11 20.55 52.41
C TYR A 1669 11.68 19.14 52.26
N LYS A 1670 11.73 18.36 53.35
CA LYS A 1670 12.06 16.95 53.30
C LYS A 1670 10.91 16.11 52.78
N THR A 1671 9.89 16.73 52.20
CA THR A 1671 8.78 15.98 51.62
C THR A 1671 9.28 15.05 50.51
N ARG A 1672 10.18 15.54 49.67
CA ARG A 1672 10.80 14.67 48.66
C ARG A 1672 11.64 13.58 49.31
N VAL A 1673 12.22 13.85 50.47
CA VAL A 1673 13.02 12.84 51.17
C VAL A 1673 12.14 11.71 51.70
N LYS A 1674 10.84 11.95 51.86
CA LYS A 1674 9.91 10.91 52.28
C LYS A 1674 8.88 10.53 51.23
N GLY A 1675 8.63 11.42 50.26
CA GLY A 1675 7.82 11.04 49.12
C GLY A 1675 8.60 10.34 48.02
N LEU A 1676 9.93 10.44 48.08
CA LEU A 1676 10.81 9.75 47.14
C LEU A 1676 11.93 9.10 47.94
N THR A 1677 12.50 8.05 47.35
CA THR A 1677 13.59 7.26 47.92
C THR A 1677 13.20 6.55 49.21
N THR A 1678 11.93 6.61 49.61
CA THR A 1678 11.43 5.87 50.76
C THR A 1678 10.07 5.29 50.36
N PRO A 1679 10.03 4.02 49.95
CA PRO A 1679 8.84 3.50 49.26
C PRO A 1679 7.62 3.26 50.15
N TRP A 1680 7.77 3.23 51.47
CA TRP A 1680 6.61 3.04 52.34
C TRP A 1680 6.70 3.93 53.57
N SER A 1681 7.10 5.18 53.38
CA SER A 1681 7.14 6.11 54.50
C SER A 1681 5.74 6.39 55.02
N PRO A 1682 5.49 6.29 56.32
CA PRO A 1682 4.21 6.75 56.85
C PRO A 1682 4.08 8.26 56.67
N TRP A 1683 2.84 8.70 56.48
CA TRP A 1683 2.60 10.10 56.16
C TRP A 1683 1.70 10.81 57.18
N ASN A 1684 0.65 10.15 57.65
CA ASN A 1684 -0.17 10.77 58.70
C ASN A 1684 0.61 10.98 59.99
N PRO A 1685 1.36 9.99 60.53
CA PRO A 1685 2.27 10.31 61.64
C PRO A 1685 3.60 10.83 61.14
N PHE A 1686 3.90 10.53 59.88
CA PHE A 1686 5.14 10.93 59.22
C PHE A 1686 6.37 10.52 60.02
#